data_2FWL
#
_entry.id   2FWL
#
loop_
_entity.id
_entity.type
_entity.pdbx_description
1 polymer 'Cytochrome c-552'
2 polymer 'Cytochrome c oxidase subunit II'
3 non-polymer 'HEME C'
4 non-polymer 'DINUCLEAR COPPER ION'
#
loop_
_entity_poly.entity_id
_entity_poly.type
_entity_poly.pdbx_seq_one_letter_code
_entity_poly.pdbx_strand_id
1 'polypeptide(L)'
;MAQADGAKIYAQCAGCHQQNGQGIPGAFPPLAGHVAEILAKEGGREYLILVLLYGLQGQIEVKGMKYNGVMSSFAQLKDE
EIAAVLNHIATAWGDAKKVKGFKPFTAEEVKKLRAKKLTPQQVLAERKKLGLK
;
A
2 'polypeptide(L)'
;MAYTLATHTAGVIPAGKLERVDPTTVRQEGPWADPAQAVVQTGPNQYTVYVLAFAFGYQPNPIEVPQGAEIVFKITSPDV
IHGFHVEGTNINVEVLPGEVSTVRYTFKRPGEYRIICNQYCGLGHQNMFGTIVVKE
;
B
#
# COMPACT_ATOMS: atom_id res chain seq x y z
N ASP A 5 -7.03 -1.15 20.99
CA ASP A 5 -6.05 -2.23 21.30
C ASP A 5 -5.20 -2.52 20.06
N GLY A 6 -4.39 -3.56 20.13
CA GLY A 6 -3.53 -3.92 19.03
C GLY A 6 -4.27 -4.50 17.84
N ALA A 7 -5.36 -5.23 18.11
CA ALA A 7 -6.14 -5.86 17.05
C ALA A 7 -6.89 -4.81 16.23
N LYS A 8 -7.41 -3.80 16.92
CA LYS A 8 -8.15 -2.73 16.27
C LYS A 8 -7.28 -1.99 15.26
N ILE A 9 -6.02 -1.77 15.61
CA ILE A 9 -5.09 -1.08 14.73
C ILE A 9 -4.53 -2.02 13.66
N TYR A 10 -4.50 -3.31 13.98
CA TYR A 10 -3.98 -4.32 13.06
C TYR A 10 -4.76 -4.29 11.74
N ALA A 11 -6.02 -3.90 11.81
CA ALA A 11 -6.88 -3.82 10.63
C ALA A 11 -6.29 -2.86 9.59
N GLN A 12 -5.58 -1.84 10.07
CA GLN A 12 -4.98 -0.86 9.19
C GLN A 12 -3.74 -1.45 8.51
N CYS A 13 -3.00 -2.27 9.26
CA CYS A 13 -1.80 -2.91 8.73
C CYS A 13 -2.16 -3.90 7.64
N ALA A 14 -3.33 -4.51 7.77
CA ALA A 14 -3.79 -5.51 6.81
C ALA A 14 -4.06 -4.89 5.43
N GLY A 15 -4.23 -3.57 5.39
CA GLY A 15 -4.49 -2.90 4.14
C GLY A 15 -3.33 -2.97 3.17
N CYS A 16 -2.13 -3.14 3.68
CA CYS A 16 -0.94 -3.21 2.82
C CYS A 16 -0.07 -4.43 3.12
N HIS A 17 0.08 -4.77 4.39
CA HIS A 17 0.90 -5.92 4.77
C HIS A 17 0.03 -7.18 4.86
N GLN A 18 -1.28 -6.98 4.74
CA GLN A 18 -2.27 -8.05 4.80
C GLN A 18 -2.30 -8.71 6.17
N GLN A 19 -3.23 -9.66 6.33
CA GLN A 19 -3.40 -10.37 7.58
C GLN A 19 -2.35 -11.47 7.71
N ASN A 20 -1.61 -11.70 6.64
CA ASN A 20 -0.57 -12.72 6.63
C ASN A 20 0.77 -12.13 7.05
N GLY A 21 0.88 -10.81 6.94
CA GLY A 21 2.12 -10.14 7.31
C GLY A 21 3.24 -10.39 6.33
N GLN A 22 2.86 -10.74 5.10
CA GLN A 22 3.84 -11.00 4.04
C GLN A 22 4.01 -9.78 3.16
N GLY A 23 2.93 -9.03 2.99
CA GLY A 23 2.96 -7.84 2.18
C GLY A 23 2.86 -8.14 0.70
N ILE A 24 3.39 -7.23 -0.11
CA ILE A 24 3.37 -7.37 -1.55
C ILE A 24 4.78 -7.18 -2.13
N PRO A 25 5.26 -8.16 -2.92
CA PRO A 25 6.59 -8.10 -3.54
C PRO A 25 6.78 -6.85 -4.40
N GLY A 26 7.69 -5.98 -3.98
CA GLY A 26 7.98 -4.77 -4.73
C GLY A 26 7.16 -3.57 -4.26
N ALA A 27 6.38 -3.76 -3.21
CA ALA A 27 5.55 -2.67 -2.70
C ALA A 27 5.52 -2.62 -1.18
N PHE A 28 5.17 -3.75 -0.56
CA PHE A 28 5.10 -3.80 0.90
C PHE A 28 5.91 -4.97 1.45
N PRO A 29 6.85 -4.69 2.35
CA PRO A 29 7.72 -5.72 2.96
C PRO A 29 6.98 -6.57 3.99
N PRO A 30 7.50 -7.77 4.28
CA PRO A 30 6.91 -8.69 5.25
C PRO A 30 7.26 -8.31 6.69
N LEU A 31 6.45 -8.77 7.62
CA LEU A 31 6.66 -8.47 9.03
C LEU A 31 6.98 -9.75 9.80
N ALA A 32 6.31 -10.84 9.42
CA ALA A 32 6.52 -12.14 10.05
C ALA A 32 7.95 -12.62 9.79
N GLY A 33 8.70 -12.83 10.86
CA GLY A 33 10.07 -13.28 10.71
C GLY A 33 10.95 -12.15 10.24
N HIS A 34 10.62 -10.94 10.66
CA HIS A 34 11.37 -9.76 10.26
C HIS A 34 11.44 -8.76 11.41
N VAL A 35 10.38 -8.72 12.22
CA VAL A 35 10.33 -7.81 13.35
C VAL A 35 11.43 -8.17 14.35
N ALA A 36 11.62 -9.47 14.55
CA ALA A 36 12.64 -9.97 15.47
C ALA A 36 14.03 -9.56 15.00
N GLU A 37 14.22 -9.53 13.69
CA GLU A 37 15.50 -9.15 13.10
C GLU A 37 15.85 -7.72 13.49
N ILE A 38 14.84 -6.87 13.53
CA ILE A 38 15.03 -5.46 13.89
C ILE A 38 15.15 -5.30 15.40
N LEU A 39 14.34 -6.08 16.13
CA LEU A 39 14.35 -6.03 17.60
C LEU A 39 15.70 -6.44 18.17
N ALA A 40 16.46 -7.20 17.39
CA ALA A 40 17.77 -7.67 17.83
C ALA A 40 18.84 -6.61 17.59
N LYS A 41 18.48 -5.57 16.86
CA LYS A 41 19.43 -4.49 16.56
C LYS A 41 19.35 -3.41 17.64
N GLU A 42 20.44 -2.67 17.81
CA GLU A 42 20.49 -1.60 18.80
C GLU A 42 19.72 -0.39 18.29
N GLY A 43 18.53 -0.19 18.85
CA GLY A 43 17.70 0.92 18.43
C GLY A 43 16.64 0.48 17.45
N GLY A 44 16.54 -0.83 17.26
CA GLY A 44 15.56 -1.40 16.35
C GLY A 44 14.14 -1.13 16.79
N ARG A 45 13.93 -1.12 18.11
CA ARG A 45 12.60 -0.87 18.66
C ARG A 45 12.18 0.57 18.40
N GLU A 46 13.16 1.49 18.45
CA GLU A 46 12.88 2.90 18.19
C GLU A 46 12.48 3.08 16.74
N TYR A 47 13.16 2.36 15.84
CA TYR A 47 12.88 2.43 14.42
C TYR A 47 11.46 1.97 14.14
N LEU A 48 11.04 0.91 14.83
CA LEU A 48 9.69 0.37 14.66
C LEU A 48 8.63 1.41 14.99
N ILE A 49 8.93 2.26 15.97
CA ILE A 49 8.01 3.32 16.35
C ILE A 49 8.08 4.48 15.36
N LEU A 50 9.30 4.82 14.95
CA LEU A 50 9.51 5.91 14.01
C LEU A 50 8.88 5.59 12.65
N VAL A 51 8.97 4.33 12.26
CA VAL A 51 8.42 3.87 10.99
C VAL A 51 6.89 3.87 11.03
N LEU A 52 6.33 3.94 12.22
CA LEU A 52 4.88 3.97 12.38
C LEU A 52 4.38 5.40 12.52
N LEU A 53 5.07 6.18 13.34
CA LEU A 53 4.71 7.58 13.56
C LEU A 53 4.90 8.41 12.29
N TYR A 54 6.04 8.24 11.66
CA TYR A 54 6.36 8.98 10.44
C TYR A 54 6.40 8.02 9.25
N GLY A 55 7.22 7.00 9.35
CA GLY A 55 7.30 6.04 8.28
C GLY A 55 8.67 5.92 7.66
N LEU A 56 8.69 5.41 6.43
CA LEU A 56 9.90 5.21 5.68
C LEU A 56 9.57 5.28 4.19
N GLN A 57 10.52 5.72 3.38
CA GLN A 57 10.28 5.84 1.95
C GLN A 57 11.56 5.65 1.14
N GLY A 58 11.64 4.56 0.42
CA GLY A 58 12.80 4.30 -0.40
C GLY A 58 12.68 3.02 -1.19
N GLN A 59 13.79 2.33 -1.35
CA GLN A 59 13.83 1.07 -2.07
C GLN A 59 14.60 0.06 -1.24
N ILE A 60 14.03 -0.29 -0.11
CA ILE A 60 14.65 -1.24 0.81
C ILE A 60 14.73 -2.63 0.20
N GLU A 61 15.67 -3.42 0.68
CA GLU A 61 15.86 -4.77 0.17
C GLU A 61 15.81 -5.79 1.30
N VAL A 62 14.67 -6.43 1.44
CA VAL A 62 14.48 -7.43 2.48
C VAL A 62 14.62 -8.83 1.89
N LYS A 63 15.65 -9.55 2.34
CA LYS A 63 15.92 -10.91 1.90
C LYS A 63 16.26 -10.95 0.41
N GLY A 64 16.72 -9.83 -0.12
CA GLY A 64 17.08 -9.75 -1.53
C GLY A 64 15.97 -9.17 -2.38
N MET A 65 14.81 -8.97 -1.78
CA MET A 65 13.67 -8.41 -2.50
C MET A 65 13.57 -6.91 -2.25
N LYS A 66 13.63 -6.14 -3.31
CA LYS A 66 13.54 -4.68 -3.19
C LYS A 66 12.09 -4.21 -3.32
N TYR A 67 11.75 -3.18 -2.58
CA TYR A 67 10.41 -2.63 -2.60
C TYR A 67 10.45 -1.17 -3.02
N ASN A 68 9.29 -0.54 -3.14
CA ASN A 68 9.20 0.86 -3.54
C ASN A 68 7.89 1.45 -3.05
N GLY A 69 7.79 1.67 -1.75
CA GLY A 69 6.60 2.23 -1.17
C GLY A 69 6.92 3.21 -0.06
N VAL A 70 5.93 3.50 0.76
CA VAL A 70 6.11 4.42 1.88
C VAL A 70 5.23 4.00 3.04
N MET A 71 5.79 4.02 4.24
CA MET A 71 5.04 3.67 5.44
C MET A 71 4.03 4.76 5.75
N SER A 72 2.86 4.37 6.20
CA SER A 72 1.81 5.32 6.52
C SER A 72 2.07 5.98 7.87
N SER A 73 2.14 7.29 7.88
CA SER A 73 2.37 8.06 9.10
C SER A 73 1.14 8.00 10.01
N PHE A 74 1.14 7.07 10.95
CA PHE A 74 0.03 6.89 11.87
C PHE A 74 0.13 7.83 13.06
N ALA A 75 0.42 9.09 12.77
CA ALA A 75 0.55 10.10 13.82
C ALA A 75 -0.81 10.50 14.35
N GLN A 76 -1.86 10.16 13.61
CA GLN A 76 -3.22 10.48 14.01
C GLN A 76 -3.70 9.54 15.11
N LEU A 77 -3.02 8.40 15.25
CA LEU A 77 -3.37 7.42 16.27
C LEU A 77 -2.74 7.82 17.60
N LYS A 78 -3.34 7.36 18.69
CA LYS A 78 -2.83 7.67 20.01
C LYS A 78 -1.55 6.89 20.27
N ASP A 79 -0.71 7.42 21.15
CA ASP A 79 0.56 6.78 21.51
C ASP A 79 0.33 5.34 21.97
N GLU A 80 -0.72 5.17 22.78
CA GLU A 80 -1.07 3.86 23.32
C GLU A 80 -1.44 2.89 22.20
N GLU A 81 -2.14 3.41 21.18
CA GLU A 81 -2.57 2.60 20.05
C GLU A 81 -1.37 2.14 19.23
N ILE A 82 -0.46 3.06 18.98
CA ILE A 82 0.75 2.78 18.22
C ILE A 82 1.57 1.69 18.91
N ALA A 83 1.69 1.80 20.22
CA ALA A 83 2.43 0.83 21.01
C ALA A 83 1.68 -0.50 21.05
N ALA A 84 0.36 -0.42 21.10
CA ALA A 84 -0.49 -1.60 21.17
C ALA A 84 -0.35 -2.46 19.92
N VAL A 85 -0.38 -1.84 18.74
CA VAL A 85 -0.24 -2.59 17.50
C VAL A 85 1.15 -3.21 17.39
N LEU A 86 2.15 -2.50 17.89
CA LEU A 86 3.52 -2.99 17.85
C LEU A 86 3.67 -4.22 18.72
N ASN A 87 3.09 -4.16 19.91
CA ASN A 87 3.13 -5.27 20.85
C ASN A 87 2.34 -6.45 20.30
N HIS A 88 1.21 -6.13 19.67
CA HIS A 88 0.34 -7.14 19.10
C HIS A 88 1.03 -7.91 17.97
N ILE A 89 1.61 -7.20 17.02
CA ILE A 89 2.27 -7.85 15.88
C ILE A 89 3.48 -8.67 16.32
N ALA A 90 4.25 -8.15 17.28
CA ALA A 90 5.43 -8.85 17.77
C ALA A 90 5.07 -10.16 18.45
N THR A 91 3.94 -10.19 19.14
CA THR A 91 3.50 -11.40 19.84
C THR A 91 2.64 -12.28 18.94
N ALA A 92 2.02 -11.68 17.93
CA ALA A 92 1.16 -12.42 17.01
C ALA A 92 1.94 -13.50 16.26
N TRP A 93 3.03 -13.11 15.62
CA TRP A 93 3.85 -14.05 14.88
C TRP A 93 4.86 -14.71 15.79
N GLY A 94 4.96 -14.22 17.02
CA GLY A 94 5.88 -14.77 17.99
C GLY A 94 7.31 -14.32 17.74
N ASP A 95 7.47 -13.25 16.97
CA ASP A 95 8.78 -12.72 16.67
C ASP A 95 9.45 -12.19 17.94
N ALA A 96 8.61 -11.77 18.90
CA ALA A 96 9.08 -11.25 20.17
C ALA A 96 9.63 -12.38 21.06
N LYS A 97 9.44 -13.62 20.62
CA LYS A 97 9.90 -14.77 21.37
C LYS A 97 11.23 -15.27 20.81
N LYS A 98 11.74 -14.58 19.80
CA LYS A 98 13.00 -14.95 19.17
C LYS A 98 14.11 -14.01 19.61
N VAL A 99 13.83 -13.20 20.62
CA VAL A 99 14.79 -12.25 21.14
C VAL A 99 14.96 -12.47 22.64
N LYS A 100 16.07 -11.99 23.19
CA LYS A 100 16.35 -12.15 24.61
C LYS A 100 15.87 -10.94 25.40
N GLY A 101 14.85 -11.15 26.23
CA GLY A 101 14.31 -10.07 27.04
C GLY A 101 13.57 -9.04 26.23
N PHE A 102 12.43 -9.42 25.67
CA PHE A 102 11.62 -8.51 24.87
C PHE A 102 10.93 -7.49 25.77
N LYS A 103 11.15 -6.22 25.48
CA LYS A 103 10.54 -5.15 26.24
C LYS A 103 9.31 -4.64 25.50
N PRO A 104 8.12 -4.75 26.10
CA PRO A 104 6.89 -4.28 25.48
C PRO A 104 6.95 -2.79 25.19
N PHE A 105 6.39 -2.39 24.06
CA PHE A 105 6.38 -0.99 23.68
C PHE A 105 5.46 -0.20 24.58
N THR A 106 5.99 0.86 25.15
CA THR A 106 5.22 1.72 26.03
C THR A 106 4.94 3.06 25.36
N ALA A 107 3.84 3.70 25.76
CA ALA A 107 3.46 4.99 25.19
C ALA A 107 4.56 6.03 25.40
N GLU A 108 5.39 5.81 26.41
CA GLU A 108 6.50 6.71 26.73
C GLU A 108 7.48 6.79 25.56
N GLU A 109 7.78 5.63 24.98
CA GLU A 109 8.71 5.54 23.86
C GLU A 109 8.12 6.17 22.61
N VAL A 110 6.81 6.16 22.50
CA VAL A 110 6.13 6.74 21.35
C VAL A 110 6.09 8.26 21.50
N LYS A 111 5.84 8.72 22.72
CA LYS A 111 5.76 10.14 23.00
C LYS A 111 7.09 10.84 22.75
N LYS A 112 8.19 10.22 23.20
CA LYS A 112 9.52 10.81 23.04
C LYS A 112 9.87 11.00 21.56
N LEU A 113 9.36 10.12 20.71
CA LEU A 113 9.63 10.21 19.28
C LEU A 113 8.62 11.12 18.58
N ARG A 114 7.40 11.18 19.10
CA ARG A 114 6.36 12.01 18.53
C ARG A 114 6.72 13.49 18.69
N ALA A 115 7.44 13.81 19.76
CA ALA A 115 7.86 15.18 20.02
C ALA A 115 8.93 15.60 19.05
N LYS A 116 9.73 14.64 18.60
CA LYS A 116 10.80 14.90 17.65
C LYS A 116 10.27 14.78 16.23
N LYS A 117 9.85 15.91 15.67
CA LYS A 117 9.31 15.92 14.31
C LYS A 117 10.37 15.58 13.28
N LEU A 118 10.17 14.44 12.63
CA LEU A 118 11.08 13.97 11.60
C LEU A 118 10.29 13.66 10.34
N THR A 119 10.95 13.12 9.34
CA THR A 119 10.29 12.77 8.09
C THR A 119 10.67 11.35 7.69
N PRO A 120 9.75 10.62 7.02
CA PRO A 120 10.01 9.25 6.60
C PRO A 120 11.23 9.14 5.68
N GLN A 121 11.53 10.24 4.98
CA GLN A 121 12.66 10.28 4.08
C GLN A 121 13.98 10.29 4.87
N GLN A 122 13.93 10.86 6.07
CA GLN A 122 15.10 10.92 6.93
C GLN A 122 15.29 9.59 7.64
N VAL A 123 14.18 8.93 7.95
CA VAL A 123 14.20 7.64 8.62
C VAL A 123 14.90 6.59 7.75
N LEU A 124 14.87 6.81 6.45
CA LEU A 124 15.52 5.91 5.50
C LEU A 124 17.01 5.78 5.83
N ALA A 125 17.62 6.90 6.19
CA ALA A 125 19.03 6.92 6.55
C ALA A 125 19.25 6.15 7.85
N GLU A 126 18.38 6.41 8.83
CA GLU A 126 18.46 5.76 10.13
C GLU A 126 18.38 4.24 9.98
N ARG A 127 17.51 3.79 9.10
CA ARG A 127 17.33 2.38 8.83
C ARG A 127 18.59 1.78 8.22
N LYS A 128 19.14 2.48 7.23
CA LYS A 128 20.35 2.03 6.55
C LYS A 128 21.55 2.07 7.48
N LYS A 129 21.52 2.97 8.46
CA LYS A 129 22.61 3.09 9.43
C LYS A 129 22.70 1.84 10.27
N LEU A 130 21.56 1.18 10.46
CA LEU A 130 21.49 -0.06 11.23
C LEU A 130 22.03 -1.23 10.41
N GLY A 131 22.30 -0.97 9.14
CA GLY A 131 22.80 -2.01 8.26
C GLY A 131 21.70 -2.56 7.39
N LEU A 132 20.49 -2.07 7.59
CA LEU A 132 19.34 -2.53 6.82
C LEU A 132 19.30 -1.85 5.47
N LYS A 133 19.53 -2.64 4.42
CA LYS A 133 19.53 -2.13 3.05
C LYS A 133 18.15 -1.66 2.63
N TYR B 3 -11.11 13.63 -32.54
CA TYR B 3 -10.95 12.26 -33.08
C TYR B 3 -10.95 11.22 -31.96
N THR B 4 -10.44 11.60 -30.79
CA THR B 4 -10.38 10.71 -29.64
C THR B 4 -11.78 10.31 -29.18
N LEU B 5 -12.71 11.24 -29.27
CA LEU B 5 -14.09 10.98 -28.85
C LEU B 5 -14.82 10.15 -29.90
N ALA B 6 -14.23 10.07 -31.09
CA ALA B 6 -14.82 9.30 -32.18
C ALA B 6 -14.19 7.91 -32.26
N THR B 7 -13.47 7.54 -31.22
CA THR B 7 -12.82 6.25 -31.16
C THR B 7 -12.92 5.67 -29.75
N HIS B 8 -12.41 4.46 -29.57
CA HIS B 8 -12.44 3.82 -28.26
C HIS B 8 -11.39 4.44 -27.34
N THR B 9 -10.59 5.33 -27.92
CA THR B 9 -9.54 6.03 -27.20
C THR B 9 -10.13 6.94 -26.12
N ALA B 10 -11.41 7.27 -26.27
CA ALA B 10 -12.11 8.13 -25.30
C ALA B 10 -12.24 7.43 -23.95
N GLY B 11 -11.93 6.14 -23.92
CA GLY B 11 -12.00 5.38 -22.69
C GLY B 11 -10.98 5.83 -21.67
N VAL B 12 -9.89 6.42 -22.14
CA VAL B 12 -8.83 6.91 -21.27
C VAL B 12 -9.28 8.14 -20.48
N ILE B 13 -10.40 8.71 -20.89
CA ILE B 13 -10.96 9.87 -20.24
C ILE B 13 -11.94 9.43 -19.16
N PRO B 14 -11.85 10.00 -17.95
CA PRO B 14 -12.73 9.66 -16.83
C PRO B 14 -14.21 9.75 -17.20
N ALA B 15 -15.00 8.86 -16.64
CA ALA B 15 -16.44 8.81 -16.89
C ALA B 15 -17.12 10.11 -16.47
N GLY B 16 -18.23 10.43 -17.13
CA GLY B 16 -18.96 11.65 -16.80
C GLY B 16 -19.92 11.44 -15.66
N LYS B 17 -20.24 10.17 -15.39
CA LYS B 17 -21.14 9.82 -14.31
C LYS B 17 -20.43 9.95 -12.97
N LEU B 18 -21.11 10.49 -11.98
CA LEU B 18 -20.54 10.65 -10.65
C LEU B 18 -20.68 9.36 -9.87
N GLU B 19 -19.60 8.96 -9.21
CA GLU B 19 -19.59 7.75 -8.42
C GLU B 19 -18.95 8.06 -7.08
N ARG B 20 -19.70 8.74 -6.23
CA ARG B 20 -19.22 9.13 -4.92
C ARG B 20 -19.67 8.13 -3.86
N VAL B 21 -18.72 7.73 -3.02
CA VAL B 21 -18.98 6.79 -1.94
C VAL B 21 -18.30 7.25 -0.67
N ASP B 22 -18.31 6.42 0.36
CA ASP B 22 -17.67 6.75 1.62
C ASP B 22 -16.24 6.22 1.64
N PRO B 23 -15.25 7.12 1.68
CA PRO B 23 -13.84 6.73 1.68
C PRO B 23 -13.39 6.11 3.00
N THR B 24 -14.22 6.23 4.02
CA THR B 24 -13.89 5.68 5.32
C THR B 24 -14.07 4.17 5.38
N THR B 25 -15.25 3.69 4.97
CA THR B 25 -15.54 2.26 5.02
C THR B 25 -15.33 1.57 3.67
N VAL B 26 -14.94 2.33 2.66
CA VAL B 26 -14.72 1.77 1.32
C VAL B 26 -13.61 0.71 1.35
N ARG B 27 -12.74 0.79 2.36
CA ARG B 27 -11.63 -0.13 2.50
C ARG B 27 -11.99 -1.27 3.46
N GLN B 28 -13.22 -1.29 3.94
CA GLN B 28 -13.66 -2.33 4.87
C GLN B 28 -14.90 -3.05 4.34
N GLU B 29 -15.71 -2.32 3.60
CA GLU B 29 -16.92 -2.89 3.02
C GLU B 29 -17.13 -2.37 1.61
N GLY B 30 -17.14 -3.28 0.66
CA GLY B 30 -17.34 -2.90 -0.72
C GLY B 30 -16.40 -3.63 -1.67
N PRO B 31 -16.47 -3.32 -2.97
CA PRO B 31 -15.62 -3.94 -3.99
C PRO B 31 -14.14 -3.64 -3.80
N TRP B 32 -13.83 -2.67 -2.95
CA TRP B 32 -12.45 -2.30 -2.68
C TRP B 32 -12.00 -2.83 -1.33
N ALA B 33 -12.79 -3.74 -0.77
CA ALA B 33 -12.48 -4.33 0.53
C ALA B 33 -11.87 -5.71 0.39
N ASP B 34 -11.66 -6.14 -0.85
CA ASP B 34 -11.08 -7.45 -1.12
C ASP B 34 -10.19 -7.39 -2.36
N PRO B 35 -8.88 -7.62 -2.19
CA PRO B 35 -7.93 -7.58 -3.30
C PRO B 35 -8.04 -8.79 -4.23
N ALA B 36 -8.80 -9.78 -3.80
CA ALA B 36 -9.00 -11.00 -4.60
C ALA B 36 -10.05 -10.77 -5.68
N GLN B 37 -11.24 -10.34 -5.25
CA GLN B 37 -12.33 -10.08 -6.19
C GLN B 37 -12.27 -8.65 -6.72
N ALA B 38 -11.09 -8.21 -7.08
CA ALA B 38 -10.89 -6.87 -7.62
C ALA B 38 -11.18 -6.85 -9.11
N VAL B 39 -10.96 -7.99 -9.75
CA VAL B 39 -11.20 -8.12 -11.19
C VAL B 39 -12.50 -8.87 -11.42
N VAL B 40 -13.53 -8.15 -11.84
CA VAL B 40 -14.83 -8.77 -12.08
C VAL B 40 -15.27 -8.57 -13.53
N GLN B 41 -15.57 -9.67 -14.21
CA GLN B 41 -16.02 -9.63 -15.60
C GLN B 41 -17.37 -8.93 -15.67
N THR B 42 -17.46 -7.93 -16.54
CA THR B 42 -18.69 -7.16 -16.70
C THR B 42 -19.20 -7.18 -18.14
N GLY B 43 -18.75 -8.15 -18.91
CA GLY B 43 -19.18 -8.25 -20.29
C GLY B 43 -18.21 -9.06 -21.13
N PRO B 44 -18.53 -9.26 -22.42
CA PRO B 44 -17.68 -10.01 -23.34
C PRO B 44 -16.31 -9.37 -23.49
N ASN B 45 -15.30 -10.04 -22.94
CA ASN B 45 -13.92 -9.56 -22.99
C ASN B 45 -13.78 -8.23 -22.27
N GLN B 46 -14.68 -7.99 -21.31
CA GLN B 46 -14.68 -6.76 -20.53
C GLN B 46 -14.56 -7.10 -19.06
N TYR B 47 -13.55 -6.55 -18.40
CA TYR B 47 -13.33 -6.83 -16.98
C TYR B 47 -13.16 -5.53 -16.21
N THR B 48 -13.94 -5.37 -15.14
CA THR B 48 -13.85 -4.20 -14.30
C THR B 48 -12.91 -4.47 -13.14
N VAL B 49 -11.92 -3.62 -12.97
CA VAL B 49 -10.95 -3.79 -11.92
C VAL B 49 -11.04 -2.66 -10.92
N TYR B 50 -11.38 -3.00 -9.69
CA TYR B 50 -11.50 -2.04 -8.61
C TYR B 50 -10.13 -1.81 -7.98
N VAL B 51 -9.63 -0.58 -8.05
CA VAL B 51 -8.34 -0.26 -7.48
C VAL B 51 -8.47 0.75 -6.34
N LEU B 52 -7.95 0.38 -5.20
CA LEU B 52 -7.98 1.23 -4.02
C LEU B 52 -6.63 1.92 -3.86
N ALA B 53 -6.62 3.23 -3.99
CA ALA B 53 -5.39 4.00 -3.86
C ALA B 53 -5.30 4.63 -2.49
N PHE B 54 -4.69 3.93 -1.54
CA PHE B 54 -4.56 4.46 -0.19
C PHE B 54 -3.21 5.13 0.03
N ALA B 55 -2.86 5.33 1.30
CA ALA B 55 -1.62 5.97 1.68
C ALA B 55 -0.39 5.27 1.12
N PHE B 56 0.17 5.89 0.08
CA PHE B 56 1.39 5.40 -0.58
C PHE B 56 1.27 3.97 -1.09
N GLY B 57 0.06 3.54 -1.41
CA GLY B 57 -0.12 2.18 -1.89
C GLY B 57 -1.29 2.04 -2.84
N TYR B 58 -1.36 0.88 -3.49
CA TYR B 58 -2.43 0.57 -4.43
C TYR B 58 -2.88 -0.86 -4.22
N GLN B 59 -4.19 -1.07 -4.13
CA GLN B 59 -4.74 -2.41 -3.94
C GLN B 59 -5.71 -2.73 -5.07
N PRO B 60 -5.57 -3.89 -5.71
CA PRO B 60 -4.53 -4.86 -5.40
C PRO B 60 -3.20 -4.52 -6.05
N ASN B 61 -2.17 -5.27 -5.69
CA ASN B 61 -0.85 -5.04 -6.24
C ASN B 61 -0.05 -6.35 -6.24
N PRO B 62 0.55 -6.72 -7.37
CA PRO B 62 0.46 -5.95 -8.60
C PRO B 62 -0.87 -6.17 -9.30
N ILE B 63 -1.35 -5.16 -10.01
CA ILE B 63 -2.61 -5.27 -10.73
C ILE B 63 -2.42 -6.10 -11.99
N GLU B 64 -2.73 -7.38 -11.89
CA GLU B 64 -2.59 -8.29 -13.01
C GLU B 64 -3.86 -8.30 -13.85
N VAL B 65 -3.72 -7.95 -15.12
CA VAL B 65 -4.85 -7.90 -16.04
C VAL B 65 -4.47 -8.47 -17.40
N PRO B 66 -5.42 -9.07 -18.13
CA PRO B 66 -5.17 -9.65 -19.45
C PRO B 66 -5.12 -8.57 -20.55
N GLN B 67 -4.34 -8.83 -21.58
CA GLN B 67 -4.21 -7.88 -22.69
C GLN B 67 -5.22 -8.24 -23.78
N GLY B 68 -5.57 -7.24 -24.59
CA GLY B 68 -6.52 -7.47 -25.67
C GLY B 68 -7.96 -7.41 -25.20
N ALA B 69 -8.15 -7.03 -23.95
CA ALA B 69 -9.48 -6.94 -23.36
C ALA B 69 -9.75 -5.54 -22.83
N GLU B 70 -11.01 -5.19 -22.70
CA GLU B 70 -11.38 -3.88 -22.17
C GLU B 70 -11.42 -3.93 -20.66
N ILE B 71 -10.49 -3.24 -20.04
CA ILE B 71 -10.39 -3.20 -18.61
C ILE B 71 -10.98 -1.91 -18.06
N VAL B 72 -12.05 -2.04 -17.28
CA VAL B 72 -12.72 -0.90 -16.68
C VAL B 72 -12.10 -0.63 -15.32
N PHE B 73 -11.15 0.29 -15.29
CA PHE B 73 -10.47 0.65 -14.06
C PHE B 73 -11.32 1.59 -13.21
N LYS B 74 -11.59 1.17 -11.99
CA LYS B 74 -12.35 1.98 -11.05
C LYS B 74 -11.51 2.23 -9.81
N ILE B 75 -10.79 3.33 -9.83
CA ILE B 75 -9.90 3.69 -8.74
C ILE B 75 -10.53 4.73 -7.81
N THR B 76 -10.36 4.53 -6.52
CA THR B 76 -10.87 5.46 -5.52
C THR B 76 -9.88 5.59 -4.38
N SER B 77 -9.98 6.66 -3.61
CA SER B 77 -9.06 6.90 -2.51
C SER B 77 -9.82 6.98 -1.19
N PRO B 78 -9.30 6.33 -0.14
CA PRO B 78 -9.89 6.33 1.18
C PRO B 78 -9.26 7.38 2.12
N ASP B 79 -8.26 8.11 1.64
CA ASP B 79 -7.59 9.12 2.46
C ASP B 79 -7.51 10.49 1.77
N VAL B 80 -6.38 10.78 1.14
CA VAL B 80 -6.18 12.07 0.48
C VAL B 80 -6.21 11.92 -1.04
N ILE B 81 -5.95 13.01 -1.75
CA ILE B 81 -5.96 13.00 -3.20
C ILE B 81 -4.79 12.17 -3.76
N HIS B 82 -5.05 11.48 -4.85
CA HIS B 82 -4.03 10.66 -5.50
C HIS B 82 -4.17 10.76 -7.01
N GLY B 83 -3.30 10.10 -7.74
CA GLY B 83 -3.36 10.15 -9.18
C GLY B 83 -3.02 8.82 -9.80
N PHE B 84 -3.72 8.46 -10.85
CA PHE B 84 -3.49 7.20 -11.53
C PHE B 84 -2.86 7.44 -12.89
N HIS B 85 -1.58 7.73 -12.89
CA HIS B 85 -0.84 7.97 -14.13
C HIS B 85 0.11 6.80 -14.37
N VAL B 86 -0.35 5.81 -15.11
CA VAL B 86 0.44 4.63 -15.40
C VAL B 86 1.50 4.95 -16.45
N GLU B 87 2.76 4.87 -16.03
CA GLU B 87 3.88 5.16 -16.92
C GLU B 87 3.95 4.13 -18.04
N GLY B 88 3.84 4.60 -19.27
CA GLY B 88 3.89 3.71 -20.41
C GLY B 88 2.52 3.52 -21.05
N THR B 89 1.52 4.21 -20.50
CA THR B 89 0.16 4.11 -21.02
C THR B 89 -0.45 5.49 -21.20
N ASN B 90 -1.72 5.53 -21.56
CA ASN B 90 -2.43 6.79 -21.74
C ASN B 90 -3.34 7.03 -20.54
N ILE B 91 -3.11 6.27 -19.47
CA ILE B 91 -3.90 6.41 -18.26
C ILE B 91 -3.37 7.54 -17.40
N ASN B 92 -4.13 8.62 -17.33
CA ASN B 92 -3.78 9.79 -16.55
C ASN B 92 -5.06 10.40 -15.97
N VAL B 93 -5.53 9.81 -14.88
CA VAL B 93 -6.75 10.27 -14.24
C VAL B 93 -6.51 10.59 -12.77
N GLU B 94 -7.25 11.56 -12.25
CA GLU B 94 -7.12 11.96 -10.85
C GLU B 94 -7.96 11.04 -9.97
N VAL B 95 -7.44 10.73 -8.78
CA VAL B 95 -8.14 9.87 -7.84
C VAL B 95 -8.47 10.66 -6.58
N LEU B 96 -9.72 11.05 -6.45
CA LEU B 96 -10.17 11.83 -5.30
C LEU B 96 -10.68 10.93 -4.18
N PRO B 97 -10.66 11.43 -2.93
CA PRO B 97 -11.12 10.65 -1.77
C PRO B 97 -12.63 10.39 -1.81
N GLY B 98 -13.00 9.12 -1.85
CA GLY B 98 -14.40 8.74 -1.89
C GLY B 98 -15.00 8.90 -3.26
N GLU B 99 -14.17 9.20 -4.24
CA GLU B 99 -14.61 9.37 -5.61
C GLU B 99 -14.05 8.24 -6.47
N VAL B 100 -14.93 7.53 -7.16
CA VAL B 100 -14.50 6.43 -8.00
C VAL B 100 -14.27 6.88 -9.44
N SER B 101 -13.01 7.02 -9.80
CA SER B 101 -12.63 7.44 -11.14
C SER B 101 -12.65 6.23 -12.07
N THR B 102 -13.59 6.23 -13.00
CA THR B 102 -13.73 5.13 -13.94
C THR B 102 -13.07 5.44 -15.28
N VAL B 103 -12.15 4.56 -15.68
CA VAL B 103 -11.42 4.71 -16.94
C VAL B 103 -11.35 3.36 -17.66
N ARG B 104 -11.69 3.36 -18.94
CA ARG B 104 -11.66 2.12 -19.72
C ARG B 104 -10.40 2.05 -20.56
N TYR B 105 -9.56 1.07 -20.28
CA TYR B 105 -8.32 0.92 -21.01
C TYR B 105 -8.24 -0.43 -21.69
N THR B 106 -7.43 -0.50 -22.73
CA THR B 106 -7.23 -1.74 -23.47
C THR B 106 -5.74 -1.95 -23.72
N PHE B 107 -5.14 -2.82 -22.92
CA PHE B 107 -3.72 -3.12 -23.05
C PHE B 107 -3.46 -3.95 -24.29
N LYS B 108 -2.62 -3.45 -25.18
CA LYS B 108 -2.29 -4.18 -26.40
C LYS B 108 -0.87 -4.70 -26.34
N ARG B 109 -0.24 -4.54 -25.18
CA ARG B 109 1.12 -4.99 -24.98
C ARG B 109 1.36 -5.34 -23.52
N PRO B 110 1.93 -6.52 -23.24
CA PRO B 110 2.21 -6.98 -21.88
C PRO B 110 3.42 -6.30 -21.26
N GLY B 111 3.76 -6.71 -20.04
CA GLY B 111 4.90 -6.14 -19.35
C GLY B 111 4.52 -5.56 -18.01
N GLU B 112 5.51 -5.03 -17.31
CA GLU B 112 5.30 -4.43 -16.00
C GLU B 112 5.26 -2.91 -16.13
N TYR B 113 4.20 -2.31 -15.61
CA TYR B 113 4.03 -0.87 -15.66
C TYR B 113 3.96 -0.31 -14.25
N ARG B 114 4.54 0.87 -14.04
CA ARG B 114 4.53 1.49 -12.73
C ARG B 114 3.58 2.69 -12.71
N ILE B 115 2.74 2.77 -11.70
CA ILE B 115 1.78 3.86 -11.57
C ILE B 115 2.42 5.04 -10.86
N ILE B 116 2.38 6.21 -11.50
CA ILE B 116 2.92 7.42 -10.92
C ILE B 116 1.81 8.29 -10.36
N CYS B 117 1.81 8.49 -9.06
CA CYS B 117 0.80 9.31 -8.42
C CYS B 117 1.20 10.78 -8.47
N ASN B 118 0.79 11.47 -9.53
CA ASN B 118 1.11 12.87 -9.72
C ASN B 118 0.60 13.75 -8.58
N GLN B 119 -0.60 13.45 -8.07
CA GLN B 119 -1.19 14.24 -6.99
C GLN B 119 -0.45 14.03 -5.67
N TYR B 120 -0.21 15.15 -4.97
CA TYR B 120 0.49 15.16 -3.68
C TYR B 120 -0.14 14.21 -2.67
N CYS B 121 0.60 13.91 -1.59
CA CYS B 121 0.13 13.00 -0.53
C CYS B 121 1.27 12.67 0.44
N GLY B 122 1.44 13.47 1.48
CA GLY B 122 2.47 13.21 2.46
C GLY B 122 3.88 13.47 1.95
N LEU B 123 4.87 13.13 2.78
CA LEU B 123 6.27 13.34 2.44
C LEU B 123 6.80 12.27 1.48
N GLY B 124 6.09 11.15 1.39
CA GLY B 124 6.51 10.08 0.50
C GLY B 124 5.64 9.95 -0.71
N HIS B 125 5.09 11.07 -1.16
CA HIS B 125 4.21 11.07 -2.31
C HIS B 125 4.96 10.71 -3.59
N GLN B 126 6.25 10.99 -3.61
CA GLN B 126 7.07 10.72 -4.79
C GLN B 126 7.41 9.24 -4.94
N ASN B 127 7.26 8.48 -3.85
CA ASN B 127 7.57 7.06 -3.89
C ASN B 127 6.31 6.23 -4.01
N MET B 128 5.17 6.90 -4.16
CA MET B 128 3.89 6.22 -4.31
C MET B 128 3.76 5.67 -5.73
N PHE B 129 4.44 4.57 -5.99
CA PHE B 129 4.45 3.95 -7.30
C PHE B 129 3.81 2.56 -7.25
N GLY B 130 2.63 2.44 -7.86
CA GLY B 130 1.94 1.15 -7.89
C GLY B 130 2.50 0.26 -8.98
N THR B 131 2.17 -1.03 -8.92
CA THR B 131 2.67 -1.98 -9.91
C THR B 131 1.53 -2.64 -10.70
N ILE B 132 1.63 -2.57 -12.01
CA ILE B 132 0.64 -3.18 -12.90
C ILE B 132 1.33 -4.21 -13.79
N VAL B 133 0.76 -5.41 -13.85
CA VAL B 133 1.33 -6.48 -14.65
C VAL B 133 0.30 -7.05 -15.61
N VAL B 134 0.41 -6.70 -16.89
CA VAL B 134 -0.51 -7.17 -17.89
C VAL B 134 -0.03 -8.53 -18.43
N LYS B 135 -0.93 -9.50 -18.40
CA LYS B 135 -0.62 -10.85 -18.85
C LYS B 135 -0.67 -10.98 -20.36
N GLU B 136 0.32 -11.67 -20.90
CA GLU B 136 0.43 -11.91 -22.33
C GLU B 136 -0.36 -13.14 -22.72
N ASP A 5 -7.43 -0.32 22.12
CA ASP A 5 -6.37 -1.27 22.50
C ASP A 5 -5.47 -1.56 21.30
N GLY A 6 -4.49 -2.44 21.49
CA GLY A 6 -3.56 -2.80 20.42
C GLY A 6 -4.27 -3.39 19.20
N ALA A 7 -5.30 -4.18 19.44
CA ALA A 7 -6.04 -4.80 18.34
C ALA A 7 -6.83 -3.74 17.56
N LYS A 8 -7.38 -2.78 18.30
CA LYS A 8 -8.14 -1.70 17.70
C LYS A 8 -7.25 -0.85 16.79
N ILE A 9 -6.00 -0.70 17.19
CA ILE A 9 -5.03 0.07 16.42
C ILE A 9 -4.57 -0.72 15.20
N TYR A 10 -4.46 -2.04 15.37
CA TYR A 10 -4.02 -2.92 14.29
C TYR A 10 -5.04 -2.94 13.14
N ALA A 11 -6.25 -2.48 13.41
CA ALA A 11 -7.31 -2.46 12.40
C ALA A 11 -6.88 -1.61 11.20
N GLN A 12 -6.00 -0.66 11.43
CA GLN A 12 -5.51 0.22 10.37
C GLN A 12 -4.47 -0.52 9.51
N CYS A 13 -3.75 -1.43 10.15
CA CYS A 13 -2.71 -2.19 9.46
C CYS A 13 -3.32 -3.29 8.58
N ALA A 14 -4.52 -3.72 8.94
CA ALA A 14 -5.23 -4.77 8.21
C ALA A 14 -5.50 -4.37 6.75
N GLY A 15 -5.41 -3.07 6.48
CA GLY A 15 -5.66 -2.59 5.13
C GLY A 15 -4.53 -2.91 4.17
N CYS A 16 -3.34 -3.18 4.70
CA CYS A 16 -2.19 -3.48 3.84
C CYS A 16 -1.47 -4.75 4.28
N HIS A 17 -1.26 -4.90 5.58
CA HIS A 17 -0.57 -6.09 6.09
C HIS A 17 -1.59 -7.18 6.42
N GLN A 18 -2.87 -6.81 6.32
CA GLN A 18 -3.99 -7.70 6.59
C GLN A 18 -3.95 -8.22 8.03
N GLN A 19 -4.83 -9.17 8.33
CA GLN A 19 -4.92 -9.73 9.67
C GLN A 19 -4.04 -10.98 9.79
N ASN A 20 -3.53 -11.45 8.67
CA ASN A 20 -2.67 -12.63 8.65
C ASN A 20 -1.22 -12.25 8.95
N GLY A 21 -0.96 -10.95 8.99
CA GLY A 21 0.37 -10.47 9.27
C GLY A 21 1.32 -10.68 8.11
N GLN A 22 0.77 -10.86 6.92
CA GLN A 22 1.56 -11.08 5.72
C GLN A 22 1.32 -9.96 4.73
N GLY A 23 0.06 -9.68 4.45
CA GLY A 23 -0.28 -8.65 3.51
C GLY A 23 -0.26 -9.14 2.08
N ILE A 24 -0.04 -8.25 1.14
CA ILE A 24 -0.01 -8.62 -0.26
C ILE A 24 1.43 -8.88 -0.71
N PRO A 25 1.75 -10.12 -1.09
CA PRO A 25 3.09 -10.50 -1.54
C PRO A 25 3.53 -9.71 -2.76
N GLY A 26 4.71 -9.11 -2.69
CA GLY A 26 5.24 -8.33 -3.79
C GLY A 26 4.84 -6.87 -3.68
N ALA A 27 4.19 -6.52 -2.59
CA ALA A 27 3.77 -5.14 -2.36
C ALA A 27 4.00 -4.73 -0.92
N PHE A 28 3.56 -5.57 0.01
CA PHE A 28 3.72 -5.27 1.44
C PHE A 28 4.51 -6.36 2.15
N PRO A 29 5.43 -5.97 3.04
CA PRO A 29 6.24 -6.91 3.81
C PRO A 29 5.46 -7.56 4.94
N PRO A 30 5.79 -8.81 5.26
CA PRO A 30 5.13 -9.55 6.33
C PRO A 30 5.66 -9.19 7.72
N LEU A 31 4.84 -9.40 8.72
CA LEU A 31 5.22 -9.11 10.10
C LEU A 31 5.50 -10.41 10.83
N ALA A 32 4.62 -11.39 10.63
CA ALA A 32 4.77 -12.70 11.26
C ALA A 32 6.04 -13.38 10.79
N GLY A 33 6.94 -13.68 11.72
CA GLY A 33 8.19 -14.32 11.38
C GLY A 33 9.21 -13.33 10.85
N HIS A 34 8.92 -12.05 11.01
CA HIS A 34 9.82 -11.00 10.53
C HIS A 34 10.14 -10.01 11.66
N VAL A 35 9.27 -9.96 12.66
CA VAL A 35 9.46 -9.06 13.79
C VAL A 35 10.71 -9.47 14.58
N ALA A 36 10.82 -10.78 14.83
CA ALA A 36 11.95 -11.32 15.57
C ALA A 36 13.27 -11.09 14.83
N GLU A 37 13.20 -11.07 13.50
CA GLU A 37 14.38 -10.86 12.68
C GLU A 37 14.93 -9.46 12.90
N ILE A 38 14.02 -8.50 13.06
CA ILE A 38 14.39 -7.11 13.27
C ILE A 38 14.83 -6.89 14.72
N LEU A 39 14.11 -7.51 15.65
CA LEU A 39 14.41 -7.39 17.07
C LEU A 39 15.79 -7.98 17.39
N ALA A 40 16.21 -8.95 16.59
CA ALA A 40 17.50 -9.61 16.78
C ALA A 40 18.65 -8.76 16.24
N LYS A 41 18.34 -7.57 15.77
CA LYS A 41 19.35 -6.67 15.23
C LYS A 41 19.58 -5.49 16.17
N GLU A 42 20.76 -4.90 16.10
CA GLU A 42 21.11 -3.77 16.94
C GLU A 42 20.27 -2.55 16.58
N GLY A 43 19.40 -2.15 17.49
CA GLY A 43 18.54 -1.00 17.26
C GLY A 43 17.33 -1.36 16.43
N GLY A 44 17.07 -2.66 16.31
CA GLY A 44 15.93 -3.13 15.54
C GLY A 44 14.61 -2.64 16.09
N ARG A 45 14.47 -2.63 17.41
CA ARG A 45 13.25 -2.15 18.04
C ARG A 45 13.06 -0.66 17.80
N GLU A 46 14.16 0.09 17.79
CA GLU A 46 14.11 1.52 17.54
C GLU A 46 13.71 1.77 16.10
N TYR A 47 14.26 0.96 15.20
CA TYR A 47 13.97 1.06 13.78
C TYR A 47 12.47 0.84 13.53
N LEU A 48 11.93 -0.17 14.21
CA LEU A 48 10.50 -0.51 14.08
C LEU A 48 9.63 0.70 14.41
N ILE A 49 9.96 1.38 15.50
CA ILE A 49 9.20 2.55 15.93
C ILE A 49 9.26 3.65 14.87
N LEU A 50 10.45 3.88 14.32
CA LEU A 50 10.63 4.90 13.30
C LEU A 50 9.78 4.59 12.07
N VAL A 51 9.68 3.31 11.74
CA VAL A 51 8.90 2.86 10.59
C VAL A 51 7.41 3.13 10.79
N LEU A 52 6.96 3.08 12.04
CA LEU A 52 5.56 3.33 12.34
C LEU A 52 5.28 4.82 12.47
N LEU A 53 6.25 5.55 12.99
CA LEU A 53 6.13 6.99 13.18
C LEU A 53 6.17 7.75 11.87
N TYR A 54 7.25 7.57 11.11
CA TYR A 54 7.41 8.28 9.85
C TYR A 54 7.12 7.39 8.66
N GLY A 55 7.51 6.13 8.74
CA GLY A 55 7.25 5.22 7.65
C GLY A 55 8.51 4.63 7.05
N LEU A 56 8.34 4.01 5.89
CA LEU A 56 9.44 3.38 5.17
C LEU A 56 8.99 3.13 3.73
N GLN A 57 9.85 3.45 2.77
CA GLN A 57 9.50 3.24 1.36
C GLN A 57 10.74 3.07 0.50
N GLY A 58 10.88 1.90 -0.08
CA GLY A 58 11.99 1.62 -0.95
C GLY A 58 11.73 0.41 -1.81
N GLN A 59 12.79 -0.32 -2.13
CA GLN A 59 12.67 -1.52 -2.93
C GLN A 59 13.43 -2.64 -2.23
N ILE A 60 12.90 -3.06 -1.10
CA ILE A 60 13.52 -4.09 -0.30
C ILE A 60 13.15 -5.48 -0.79
N GLU A 61 13.88 -6.48 -0.34
CA GLU A 61 13.63 -7.85 -0.73
C GLU A 61 13.80 -8.79 0.45
N VAL A 62 12.71 -9.41 0.88
CA VAL A 62 12.74 -10.32 2.01
C VAL A 62 12.50 -11.75 1.55
N LYS A 63 13.50 -12.59 1.75
CA LYS A 63 13.44 -14.02 1.38
C LYS A 63 13.23 -14.19 -0.11
N GLY A 64 13.70 -13.23 -0.89
CA GLY A 64 13.56 -13.29 -2.34
C GLY A 64 12.38 -12.50 -2.84
N MET A 65 11.43 -12.22 -1.96
CA MET A 65 10.23 -11.47 -2.32
C MET A 65 10.51 -9.98 -2.28
N LYS A 66 10.52 -9.35 -3.45
CA LYS A 66 10.77 -7.92 -3.56
C LYS A 66 9.50 -7.13 -3.28
N TYR A 67 9.63 -6.09 -2.47
CA TYR A 67 8.50 -5.24 -2.13
C TYR A 67 8.79 -3.82 -2.58
N ASN A 68 7.74 -3.08 -2.89
CA ASN A 68 7.89 -1.71 -3.34
C ASN A 68 6.60 -0.93 -3.08
N GLY A 69 6.45 -0.45 -1.86
CA GLY A 69 5.29 0.31 -1.49
C GLY A 69 5.68 1.47 -0.59
N VAL A 70 4.75 1.88 0.27
CA VAL A 70 4.99 2.96 1.20
C VAL A 70 4.34 2.68 2.54
N MET A 71 5.14 2.59 3.58
CA MET A 71 4.64 2.37 4.92
C MET A 71 4.08 3.69 5.44
N SER A 72 2.76 3.75 5.54
CA SER A 72 2.04 4.93 5.99
C SER A 72 2.50 5.42 7.36
N SER A 73 2.75 6.73 7.45
CA SER A 73 3.17 7.36 8.69
C SER A 73 2.00 7.41 9.66
N PHE A 74 2.18 6.79 10.83
CA PHE A 74 1.13 6.78 11.84
C PHE A 74 1.48 7.69 13.01
N ALA A 75 2.06 8.83 12.69
CA ALA A 75 2.44 9.81 13.71
C ALA A 75 1.20 10.39 14.38
N GLN A 76 0.06 10.23 13.72
CA GLN A 76 -1.22 10.71 14.23
C GLN A 76 -1.64 9.91 15.46
N LEU A 77 -1.00 8.77 15.67
CA LEU A 77 -1.30 7.93 16.81
C LEU A 77 -0.47 8.36 18.00
N LYS A 78 -1.04 8.21 19.19
CA LYS A 78 -0.35 8.58 20.41
C LYS A 78 0.79 7.60 20.69
N ASP A 79 1.74 8.03 21.52
CA ASP A 79 2.88 7.18 21.87
C ASP A 79 2.39 5.83 22.40
N GLU A 80 1.37 5.89 23.25
CA GLU A 80 0.79 4.68 23.83
C GLU A 80 0.18 3.78 22.76
N GLU A 81 -0.53 4.40 21.82
CA GLU A 81 -1.20 3.66 20.75
C GLU A 81 -0.19 2.97 19.84
N ILE A 82 0.88 3.67 19.50
CA ILE A 82 1.92 3.11 18.64
C ILE A 82 2.64 1.97 19.35
N ALA A 83 2.89 2.14 20.64
CA ALA A 83 3.56 1.10 21.43
C ALA A 83 2.65 -0.11 21.62
N ALA A 84 1.35 0.16 21.76
CA ALA A 84 0.37 -0.90 21.97
C ALA A 84 0.30 -1.84 20.77
N VAL A 85 0.28 -1.29 19.56
CA VAL A 85 0.21 -2.11 18.36
C VAL A 85 1.54 -2.83 18.13
N LEU A 86 2.65 -2.17 18.48
CA LEU A 86 3.98 -2.76 18.35
C LEU A 86 4.09 -4.00 19.21
N ASN A 87 3.62 -3.88 20.45
CA ASN A 87 3.65 -5.00 21.39
C ASN A 87 2.66 -6.08 20.96
N HIS A 88 1.55 -5.65 20.35
CA HIS A 88 0.51 -6.57 19.91
C HIS A 88 1.00 -7.48 18.79
N ILE A 89 1.59 -6.90 17.74
CA ILE A 89 2.06 -7.68 16.60
C ILE A 89 3.19 -8.64 17.00
N ALA A 90 3.99 -8.23 17.96
CA ALA A 90 5.10 -9.06 18.42
C ALA A 90 4.64 -10.25 19.25
N THR A 91 3.56 -10.07 20.01
CA THR A 91 3.04 -11.13 20.86
C THR A 91 1.98 -11.99 20.15
N ALA A 92 1.24 -11.37 19.24
CA ALA A 92 0.18 -12.07 18.49
C ALA A 92 0.69 -13.34 17.84
N TRP A 93 1.82 -13.26 17.16
CA TRP A 93 2.39 -14.42 16.49
C TRP A 93 3.52 -15.01 17.31
N GLY A 94 3.65 -14.54 18.55
CA GLY A 94 4.70 -15.02 19.45
C GLY A 94 6.09 -14.85 18.89
N ASP A 95 6.27 -13.88 18.01
CA ASP A 95 7.57 -13.64 17.40
C ASP A 95 8.53 -13.05 18.42
N ALA A 96 7.96 -12.33 19.39
CA ALA A 96 8.74 -11.71 20.46
C ALA A 96 9.29 -12.77 21.41
N LYS A 97 8.74 -13.97 21.34
CA LYS A 97 9.17 -15.06 22.21
C LYS A 97 10.44 -15.70 21.67
N LYS A 98 10.77 -15.40 20.42
CA LYS A 98 11.94 -15.95 19.78
C LYS A 98 13.20 -15.18 20.18
N VAL A 99 13.03 -13.96 20.64
CA VAL A 99 14.16 -13.15 21.07
C VAL A 99 14.37 -13.28 22.58
N LYS A 100 15.56 -12.93 23.04
CA LYS A 100 15.87 -13.04 24.45
C LYS A 100 15.69 -11.70 25.15
N GLY A 101 14.93 -11.72 26.24
CA GLY A 101 14.67 -10.50 27.00
C GLY A 101 13.95 -9.46 26.19
N PHE A 102 12.75 -9.78 25.74
CA PHE A 102 11.96 -8.85 24.95
C PHE A 102 11.36 -7.77 25.84
N LYS A 103 11.87 -6.56 25.69
CA LYS A 103 11.37 -5.44 26.46
C LYS A 103 10.15 -4.84 25.78
N PRO A 104 9.03 -4.75 26.50
CA PRO A 104 7.79 -4.19 25.94
C PRO A 104 7.96 -2.75 25.48
N PHE A 105 7.39 -2.44 24.33
CA PHE A 105 7.48 -1.09 23.78
C PHE A 105 6.73 -0.10 24.69
N THR A 106 7.42 0.98 25.03
CA THR A 106 6.85 2.00 25.90
C THR A 106 6.60 3.29 25.13
N ALA A 107 5.70 4.11 25.64
CA ALA A 107 5.36 5.38 25.03
C ALA A 107 6.56 6.31 24.96
N GLU A 108 7.45 6.19 25.95
CA GLU A 108 8.64 7.03 25.99
C GLU A 108 9.59 6.71 24.85
N GLU A 109 9.63 5.46 24.42
CA GLU A 109 10.50 5.06 23.31
C GLU A 109 10.02 5.73 22.03
N VAL A 110 8.71 5.81 21.88
CA VAL A 110 8.09 6.43 20.72
C VAL A 110 8.30 7.94 20.77
N LYS A 111 8.05 8.52 21.93
CA LYS A 111 8.20 9.95 22.15
C LYS A 111 9.64 10.40 21.85
N LYS A 112 10.58 9.55 22.23
CA LYS A 112 12.00 9.82 22.02
C LYS A 112 12.32 10.01 20.54
N LEU A 113 11.80 9.12 19.70
CA LEU A 113 12.05 9.17 18.27
C LEU A 113 11.09 10.15 17.57
N ARG A 114 10.03 10.51 18.26
CA ARG A 114 9.03 11.44 17.74
C ARG A 114 9.61 12.85 17.64
N ALA A 115 10.72 13.06 18.35
CA ALA A 115 11.38 14.36 18.34
C ALA A 115 12.25 14.53 17.10
N LYS A 116 12.90 13.45 16.68
CA LYS A 116 13.77 13.48 15.50
C LYS A 116 12.92 13.33 14.25
N LYS A 117 12.57 14.46 13.64
CA LYS A 117 11.76 14.46 12.43
C LYS A 117 12.49 13.81 11.25
N LEU A 118 11.97 12.69 10.81
CA LEU A 118 12.53 11.96 9.69
C LEU A 118 11.44 11.74 8.65
N THR A 119 11.81 11.15 7.53
CA THR A 119 10.85 10.88 6.47
C THR A 119 10.89 9.40 6.13
N PRO A 120 9.80 8.85 5.54
CA PRO A 120 9.74 7.43 5.16
C PRO A 120 10.91 7.04 4.26
N GLN A 121 11.38 8.00 3.47
CA GLN A 121 12.51 7.76 2.57
C GLN A 121 13.81 7.71 3.37
N GLN A 122 13.91 8.59 4.37
CA GLN A 122 15.10 8.65 5.22
C GLN A 122 15.23 7.39 6.07
N VAL A 123 14.10 6.87 6.55
CA VAL A 123 14.11 5.65 7.37
C VAL A 123 14.71 4.50 6.58
N LEU A 124 14.51 4.51 5.27
CA LEU A 124 15.05 3.48 4.40
C LEU A 124 16.57 3.55 4.42
N ALA A 125 17.09 4.76 4.45
CA ALA A 125 18.53 4.98 4.49
C ALA A 125 19.08 4.51 5.83
N GLU A 126 18.33 4.79 6.90
CA GLU A 126 18.72 4.38 8.25
C GLU A 126 18.85 2.87 8.30
N ARG A 127 17.95 2.18 7.61
CA ARG A 127 17.95 0.73 7.53
C ARG A 127 19.25 0.25 6.90
N LYS A 128 19.64 0.88 5.81
CA LYS A 128 20.85 0.53 5.09
C LYS A 128 22.09 0.88 5.92
N LYS A 129 21.96 1.91 6.76
CA LYS A 129 23.06 2.33 7.62
C LYS A 129 23.32 1.27 8.69
N LEU A 130 22.27 0.55 9.06
CA LEU A 130 22.37 -0.51 10.06
C LEU A 130 22.97 -1.77 9.46
N GLY A 131 23.32 -1.71 8.18
CA GLY A 131 23.90 -2.85 7.51
C GLY A 131 22.86 -3.74 6.88
N LEU A 132 21.66 -3.20 6.71
CA LEU A 132 20.56 -3.95 6.12
C LEU A 132 20.32 -3.48 4.69
N LYS A 133 19.50 -4.22 3.96
CA LYS A 133 19.18 -3.87 2.58
C LYS A 133 17.83 -3.19 2.53
N TYR B 3 -11.34 13.52 -33.56
CA TYR B 3 -11.19 12.12 -34.02
C TYR B 3 -11.06 11.17 -32.83
N THR B 4 -10.26 11.56 -31.86
CA THR B 4 -10.02 10.74 -30.68
C THR B 4 -11.29 10.47 -29.88
N LEU B 5 -12.19 11.45 -29.81
CA LEU B 5 -13.43 11.32 -29.06
C LEU B 5 -14.37 10.32 -29.74
N ALA B 6 -14.20 10.13 -31.04
CA ALA B 6 -15.03 9.20 -31.79
C ALA B 6 -14.37 7.82 -31.87
N THR B 7 -13.15 7.73 -31.37
CA THR B 7 -12.42 6.48 -31.37
C THR B 7 -12.37 5.89 -29.95
N HIS B 8 -11.96 4.63 -29.84
CA HIS B 8 -11.88 3.97 -28.54
C HIS B 8 -10.83 4.62 -27.63
N THR B 9 -10.03 5.51 -28.20
CA THR B 9 -9.01 6.22 -27.45
C THR B 9 -9.62 7.14 -26.40
N ALA B 10 -10.92 7.45 -26.57
CA ALA B 10 -11.63 8.31 -25.64
C ALA B 10 -11.86 7.63 -24.29
N GLY B 11 -11.49 6.36 -24.19
CA GLY B 11 -11.67 5.62 -22.96
C GLY B 11 -10.81 6.14 -21.82
N VAL B 12 -9.79 6.91 -22.16
CA VAL B 12 -8.89 7.49 -21.16
C VAL B 12 -9.57 8.62 -20.38
N ILE B 13 -10.72 9.05 -20.89
CA ILE B 13 -11.48 10.12 -20.24
C ILE B 13 -12.43 9.52 -19.22
N PRO B 14 -12.38 9.99 -17.96
CA PRO B 14 -13.25 9.49 -16.90
C PRO B 14 -14.73 9.66 -17.24
N ALA B 15 -15.54 8.75 -16.73
CA ALA B 15 -16.98 8.79 -16.97
C ALA B 15 -17.59 10.06 -16.39
N GLY B 16 -18.56 10.62 -17.09
CA GLY B 16 -19.22 11.84 -16.63
C GLY B 16 -20.14 11.57 -15.46
N LYS B 17 -20.51 10.31 -15.28
CA LYS B 17 -21.38 9.91 -14.19
C LYS B 17 -20.64 10.07 -12.86
N LEU B 18 -21.27 10.77 -11.92
CA LEU B 18 -20.68 10.99 -10.62
C LEU B 18 -20.86 9.78 -9.73
N GLU B 19 -19.75 9.15 -9.38
CA GLU B 19 -19.79 7.97 -8.53
C GLU B 19 -19.06 8.26 -7.22
N ARG B 20 -19.82 8.47 -6.16
CA ARG B 20 -19.24 8.78 -4.86
C ARG B 20 -19.46 7.64 -3.88
N VAL B 21 -18.41 7.33 -3.12
CA VAL B 21 -18.46 6.29 -2.11
C VAL B 21 -17.89 6.79 -0.80
N ASP B 22 -18.04 6.00 0.26
CA ASP B 22 -17.50 6.38 1.57
C ASP B 22 -16.02 6.03 1.66
N PRO B 23 -15.15 7.06 1.76
CA PRO B 23 -13.70 6.87 1.82
C PRO B 23 -13.19 6.46 3.21
N THR B 24 -14.08 5.96 4.04
CA THR B 24 -13.71 5.54 5.38
C THR B 24 -13.80 4.03 5.52
N THR B 25 -14.92 3.47 5.08
CA THR B 25 -15.14 2.04 5.16
C THR B 25 -15.02 1.38 3.80
N VAL B 26 -14.48 2.11 2.82
CA VAL B 26 -14.32 1.60 1.47
C VAL B 26 -13.40 0.36 1.43
N ARG B 27 -12.48 0.28 2.39
CA ARG B 27 -11.54 -0.84 2.45
C ARG B 27 -12.02 -1.89 3.44
N GLN B 28 -13.28 -1.79 3.86
CA GLN B 28 -13.84 -2.73 4.82
C GLN B 28 -15.19 -3.26 4.33
N GLU B 29 -15.95 -2.39 3.68
CA GLU B 29 -17.25 -2.75 3.15
C GLU B 29 -17.40 -2.23 1.73
N GLY B 30 -17.33 -3.11 0.76
CA GLY B 30 -17.45 -2.71 -0.63
C GLY B 30 -16.57 -3.53 -1.54
N PRO B 31 -16.58 -3.25 -2.86
CA PRO B 31 -15.78 -3.98 -3.83
C PRO B 31 -14.28 -3.82 -3.58
N TRP B 32 -13.90 -2.69 -2.99
CA TRP B 32 -12.50 -2.39 -2.71
C TRP B 32 -12.04 -3.01 -1.39
N ALA B 33 -12.90 -3.81 -0.79
CA ALA B 33 -12.58 -4.47 0.47
C ALA B 33 -12.04 -5.87 0.23
N ASP B 34 -11.75 -6.18 -1.01
CA ASP B 34 -11.21 -7.48 -1.37
C ASP B 34 -10.26 -7.37 -2.56
N PRO B 35 -8.96 -7.57 -2.32
CA PRO B 35 -7.95 -7.48 -3.39
C PRO B 35 -8.14 -8.50 -4.50
N ALA B 36 -8.65 -9.67 -4.14
CA ALA B 36 -8.88 -10.72 -5.11
C ALA B 36 -10.14 -10.47 -5.93
N GLN B 37 -11.22 -10.11 -5.24
CA GLN B 37 -12.49 -9.84 -5.90
C GLN B 37 -12.53 -8.45 -6.51
N ALA B 38 -11.36 -7.83 -6.67
CA ALA B 38 -11.27 -6.50 -7.26
C ALA B 38 -11.41 -6.57 -8.78
N VAL B 39 -11.09 -7.72 -9.34
CA VAL B 39 -11.18 -7.92 -10.77
C VAL B 39 -12.45 -8.69 -11.11
N VAL B 40 -13.51 -7.96 -11.42
CA VAL B 40 -14.80 -8.57 -11.72
C VAL B 40 -15.08 -8.50 -13.22
N GLN B 41 -15.63 -9.58 -13.76
CA GLN B 41 -15.97 -9.64 -15.17
C GLN B 41 -17.30 -8.94 -15.43
N THR B 42 -17.27 -7.94 -16.30
CA THR B 42 -18.47 -7.17 -16.62
C THR B 42 -19.23 -7.79 -17.80
N GLY B 43 -18.51 -8.44 -18.70
CA GLY B 43 -19.14 -9.05 -19.84
C GLY B 43 -18.14 -9.73 -20.76
N PRO B 44 -18.54 -10.01 -22.02
CA PRO B 44 -17.67 -10.66 -23.01
C PRO B 44 -16.43 -9.84 -23.32
N ASN B 45 -15.29 -10.31 -22.83
CA ASN B 45 -14.00 -9.65 -23.04
C ASN B 45 -13.99 -8.26 -22.38
N GLN B 46 -14.75 -8.13 -21.30
CA GLN B 46 -14.84 -6.88 -20.57
C GLN B 46 -14.72 -7.13 -19.08
N TYR B 47 -13.74 -6.50 -18.45
CA TYR B 47 -13.50 -6.67 -17.02
C TYR B 47 -13.45 -5.32 -16.31
N THR B 48 -13.82 -5.31 -15.04
CA THR B 48 -13.80 -4.11 -14.23
C THR B 48 -12.88 -4.35 -13.04
N VAL B 49 -11.85 -3.51 -12.92
CA VAL B 49 -10.89 -3.65 -11.85
C VAL B 49 -11.02 -2.51 -10.83
N TYR B 50 -11.36 -2.87 -9.61
CA TYR B 50 -11.50 -1.90 -8.55
C TYR B 50 -10.15 -1.66 -7.89
N VAL B 51 -9.56 -0.51 -8.16
CA VAL B 51 -8.26 -0.17 -7.61
C VAL B 51 -8.42 0.73 -6.39
N LEU B 52 -7.89 0.28 -5.28
CA LEU B 52 -7.95 1.03 -4.03
C LEU B 52 -6.61 1.70 -3.77
N ALA B 53 -6.59 3.02 -3.90
CA ALA B 53 -5.37 3.79 -3.69
C ALA B 53 -5.35 4.34 -2.28
N PHE B 54 -5.13 3.47 -1.30
CA PHE B 54 -5.10 3.89 0.09
C PHE B 54 -3.82 4.63 0.45
N ALA B 55 -3.64 4.86 1.75
CA ALA B 55 -2.50 5.59 2.30
C ALA B 55 -1.17 5.28 1.60
N PHE B 56 -0.85 6.11 0.62
CA PHE B 56 0.39 6.01 -0.16
C PHE B 56 0.61 4.62 -0.76
N GLY B 57 -0.46 3.90 -1.02
CA GLY B 57 -0.32 2.57 -1.58
C GLY B 57 -1.34 2.27 -2.66
N TYR B 58 -1.28 1.06 -3.19
CA TYR B 58 -2.20 0.61 -4.23
C TYR B 58 -2.60 -0.84 -3.99
N GLN B 59 -3.90 -1.11 -4.09
CA GLN B 59 -4.41 -2.46 -3.90
C GLN B 59 -5.43 -2.78 -4.98
N PRO B 60 -5.27 -3.92 -5.68
CA PRO B 60 -4.16 -4.84 -5.45
C PRO B 60 -2.86 -4.39 -6.11
N ASN B 61 -1.77 -5.09 -5.80
CA ASN B 61 -0.47 -4.76 -6.36
C ASN B 61 0.46 -5.95 -6.24
N PRO B 62 0.97 -6.47 -7.36
CA PRO B 62 0.67 -5.95 -8.70
C PRO B 62 -0.70 -6.40 -9.23
N ILE B 63 -1.29 -5.58 -10.08
CA ILE B 63 -2.59 -5.89 -10.66
C ILE B 63 -2.40 -6.83 -11.84
N GLU B 64 -3.12 -7.94 -11.84
CA GLU B 64 -3.02 -8.91 -12.93
C GLU B 64 -4.23 -8.83 -13.85
N VAL B 65 -3.98 -8.62 -15.14
CA VAL B 65 -5.06 -8.51 -16.11
C VAL B 65 -4.68 -9.21 -17.42
N PRO B 66 -5.68 -9.68 -18.19
CA PRO B 66 -5.45 -10.33 -19.48
C PRO B 66 -5.28 -9.32 -20.61
N GLN B 67 -4.70 -9.75 -21.72
CA GLN B 67 -4.48 -8.86 -22.85
C GLN B 67 -5.59 -8.99 -23.88
N GLY B 68 -5.82 -7.91 -24.63
CA GLY B 68 -6.83 -7.89 -25.65
C GLY B 68 -8.24 -7.73 -25.10
N ALA B 69 -8.35 -7.45 -23.82
CA ALA B 69 -9.65 -7.29 -23.18
C ALA B 69 -9.85 -5.86 -22.70
N GLU B 70 -11.11 -5.46 -22.58
CA GLU B 70 -11.45 -4.13 -22.11
C GLU B 70 -11.39 -4.10 -20.59
N ILE B 71 -10.52 -3.26 -20.06
CA ILE B 71 -10.35 -3.15 -18.62
C ILE B 71 -10.90 -1.85 -18.11
N VAL B 72 -11.97 -1.94 -17.32
CA VAL B 72 -12.60 -0.78 -16.72
C VAL B 72 -11.98 -0.53 -15.35
N PHE B 73 -11.08 0.43 -15.29
CA PHE B 73 -10.40 0.76 -14.05
C PHE B 73 -11.26 1.69 -13.18
N LYS B 74 -11.55 1.23 -11.97
CA LYS B 74 -12.33 2.02 -11.02
C LYS B 74 -11.49 2.27 -9.79
N ILE B 75 -10.75 3.37 -9.81
CA ILE B 75 -9.86 3.72 -8.71
C ILE B 75 -10.50 4.72 -7.76
N THR B 76 -10.36 4.48 -6.47
CA THR B 76 -10.89 5.39 -5.47
C THR B 76 -9.84 5.65 -4.40
N SER B 77 -9.93 6.78 -3.73
CA SER B 77 -8.97 7.14 -2.71
C SER B 77 -9.66 7.41 -1.37
N PRO B 78 -9.20 6.72 -0.31
CA PRO B 78 -9.75 6.90 1.04
C PRO B 78 -9.03 8.00 1.83
N ASP B 79 -7.75 8.22 1.52
CA ASP B 79 -6.96 9.23 2.21
C ASP B 79 -6.96 10.55 1.43
N VAL B 80 -5.81 10.93 0.87
CA VAL B 80 -5.72 12.15 0.12
C VAL B 80 -5.78 11.86 -1.38
N ILE B 81 -5.55 12.89 -2.19
CA ILE B 81 -5.59 12.75 -3.64
C ILE B 81 -4.37 12.01 -4.17
N HIS B 82 -4.57 11.20 -5.20
CA HIS B 82 -3.49 10.47 -5.83
C HIS B 82 -3.65 10.53 -7.34
N GLY B 83 -2.74 9.92 -8.08
CA GLY B 83 -2.82 9.94 -9.51
C GLY B 83 -2.59 8.58 -10.12
N PHE B 84 -3.42 8.20 -11.07
CA PHE B 84 -3.30 6.92 -11.72
C PHE B 84 -2.71 7.09 -13.11
N HIS B 85 -1.39 7.14 -13.19
CA HIS B 85 -0.70 7.29 -14.45
C HIS B 85 0.08 6.03 -14.77
N VAL B 86 -0.37 5.28 -15.77
CA VAL B 86 0.29 4.05 -16.15
C VAL B 86 1.39 4.30 -17.16
N GLU B 87 2.62 4.05 -16.74
CA GLU B 87 3.80 4.24 -17.57
C GLU B 87 3.76 3.30 -18.77
N GLY B 88 3.70 3.89 -19.96
CA GLY B 88 3.66 3.08 -21.17
C GLY B 88 2.32 3.15 -21.86
N THR B 89 1.39 3.89 -21.28
CA THR B 89 0.06 4.05 -21.84
C THR B 89 -0.41 5.49 -21.70
N ASN B 90 -1.58 5.80 -22.26
CA ASN B 90 -2.13 7.15 -22.17
C ASN B 90 -3.05 7.28 -20.97
N ILE B 91 -2.93 6.35 -20.03
CA ILE B 91 -3.76 6.35 -18.84
C ILE B 91 -3.22 7.33 -17.80
N ASN B 92 -3.90 8.44 -17.64
CA ASN B 92 -3.51 9.45 -16.66
C ASN B 92 -4.76 10.12 -16.11
N VAL B 93 -5.17 9.70 -14.93
CA VAL B 93 -6.35 10.25 -14.29
C VAL B 93 -6.10 10.48 -12.81
N GLU B 94 -6.68 11.54 -12.26
CA GLU B 94 -6.53 11.85 -10.86
C GLU B 94 -7.51 11.05 -10.02
N VAL B 95 -7.08 10.67 -8.83
CA VAL B 95 -7.91 9.89 -7.92
C VAL B 95 -8.21 10.72 -6.68
N LEU B 96 -9.44 11.21 -6.58
CA LEU B 96 -9.85 12.03 -5.45
C LEU B 96 -10.55 11.20 -4.38
N PRO B 97 -10.49 11.64 -3.11
CA PRO B 97 -11.12 10.94 -1.99
C PRO B 97 -12.64 10.86 -2.13
N GLY B 98 -13.15 9.64 -2.16
CA GLY B 98 -14.58 9.43 -2.27
C GLY B 98 -15.06 9.32 -3.71
N GLU B 99 -14.20 9.70 -4.65
CA GLU B 99 -14.54 9.64 -6.06
C GLU B 99 -14.05 8.33 -6.66
N VAL B 100 -14.77 7.83 -7.65
CA VAL B 100 -14.38 6.59 -8.31
C VAL B 100 -13.97 6.87 -9.76
N SER B 101 -12.69 7.14 -9.94
CA SER B 101 -12.15 7.42 -11.26
C SER B 101 -12.31 6.20 -12.16
N THR B 102 -13.25 6.28 -13.09
CA THR B 102 -13.52 5.18 -14.00
C THR B 102 -12.94 5.44 -15.38
N VAL B 103 -11.98 4.61 -15.76
CA VAL B 103 -11.31 4.72 -17.07
C VAL B 103 -11.36 3.37 -17.79
N ARG B 104 -11.65 3.40 -19.08
CA ARG B 104 -11.74 2.16 -19.87
C ARG B 104 -10.59 2.08 -20.86
N TYR B 105 -9.70 1.12 -20.66
CA TYR B 105 -8.56 0.94 -21.54
C TYR B 105 -8.46 -0.51 -22.00
N THR B 106 -7.64 -0.75 -23.01
CA THR B 106 -7.44 -2.10 -23.53
C THR B 106 -5.95 -2.37 -23.74
N PHE B 107 -5.40 -3.24 -22.91
CA PHE B 107 -3.98 -3.58 -23.01
C PHE B 107 -3.77 -4.67 -24.05
N LYS B 108 -3.10 -4.30 -25.14
CA LYS B 108 -2.83 -5.25 -26.21
C LYS B 108 -1.37 -5.69 -26.18
N ARG B 109 -0.57 -5.00 -25.38
CA ARG B 109 0.85 -5.31 -25.24
C ARG B 109 1.12 -5.89 -23.86
N PRO B 110 1.52 -7.16 -23.78
CA PRO B 110 1.80 -7.84 -22.50
C PRO B 110 3.06 -7.29 -21.82
N GLY B 111 3.12 -7.45 -20.51
CA GLY B 111 4.27 -6.98 -19.76
C GLY B 111 3.89 -6.34 -18.44
N GLU B 112 4.85 -5.68 -17.81
CA GLU B 112 4.62 -5.02 -16.53
C GLU B 112 4.63 -3.51 -16.70
N TYR B 113 3.52 -2.87 -16.36
CA TYR B 113 3.39 -1.43 -16.47
C TYR B 113 3.44 -0.80 -15.08
N ARG B 114 4.16 0.30 -14.95
CA ARG B 114 4.30 0.97 -13.66
C ARG B 114 3.26 2.08 -13.49
N ILE B 115 2.64 2.13 -12.32
CA ILE B 115 1.65 3.16 -12.02
C ILE B 115 2.31 4.26 -11.19
N ILE B 116 2.49 5.42 -11.79
CA ILE B 116 3.12 6.53 -11.11
C ILE B 116 2.09 7.56 -10.66
N CYS B 117 2.01 7.79 -9.35
CA CYS B 117 1.07 8.76 -8.81
C CYS B 117 1.69 10.15 -8.85
N ASN B 118 1.60 10.81 -9.99
CA ASN B 118 2.16 12.15 -10.17
C ASN B 118 1.58 13.16 -9.18
N GLN B 119 0.44 12.83 -8.56
CA GLN B 119 -0.19 13.73 -7.61
C GLN B 119 0.47 13.65 -6.23
N TYR B 120 0.61 14.83 -5.61
CA TYR B 120 1.21 14.99 -4.28
C TYR B 120 0.46 14.14 -3.25
N CYS B 121 1.15 13.78 -2.17
CA CYS B 121 0.56 12.97 -1.11
C CYS B 121 1.54 12.78 0.05
N GLY B 122 1.67 13.81 0.87
CA GLY B 122 2.58 13.75 2.01
C GLY B 122 4.00 13.40 1.61
N LEU B 123 4.67 12.59 2.41
CA LEU B 123 6.03 12.18 2.13
C LEU B 123 6.04 10.87 1.35
N GLY B 124 4.90 10.19 1.35
CA GLY B 124 4.77 8.94 0.64
C GLY B 124 4.37 9.14 -0.81
N HIS B 125 5.23 9.79 -1.56
CA HIS B 125 4.94 10.06 -2.96
C HIS B 125 6.14 9.68 -3.84
N GLN B 126 7.34 9.92 -3.35
CA GLN B 126 8.56 9.64 -4.08
C GLN B 126 8.77 8.14 -4.33
N ASN B 127 8.02 7.30 -3.64
CA ASN B 127 8.15 5.85 -3.82
C ASN B 127 6.78 5.18 -3.96
N MET B 128 5.76 5.98 -4.23
CA MET B 128 4.42 5.42 -4.40
C MET B 128 4.20 5.02 -5.86
N PHE B 129 4.57 3.78 -6.18
CA PHE B 129 4.42 3.27 -7.54
C PHE B 129 3.70 1.94 -7.53
N GLY B 130 2.76 1.78 -8.45
CA GLY B 130 2.02 0.55 -8.58
C GLY B 130 2.49 -0.23 -9.79
N THR B 131 1.95 -1.43 -9.99
CA THR B 131 2.36 -2.23 -11.13
C THR B 131 1.19 -3.03 -11.70
N ILE B 132 1.04 -2.97 -13.01
CA ILE B 132 0.00 -3.71 -13.72
C ILE B 132 0.65 -4.74 -14.62
N VAL B 133 0.45 -6.00 -14.30
CA VAL B 133 1.03 -7.08 -15.08
C VAL B 133 -0.01 -7.71 -15.99
N VAL B 134 0.07 -7.37 -17.26
CA VAL B 134 -0.84 -7.91 -18.24
C VAL B 134 -0.23 -9.19 -18.83
N LYS B 135 -0.98 -10.28 -18.73
CA LYS B 135 -0.52 -11.57 -19.20
C LYS B 135 -0.68 -11.69 -20.71
N GLU B 136 0.24 -12.43 -21.34
CA GLU B 136 0.21 -12.63 -22.77
C GLU B 136 -0.74 -13.76 -23.11
N ASP A 5 -5.70 -0.18 23.61
CA ASP A 5 -4.71 -1.26 23.84
C ASP A 5 -4.05 -1.65 22.51
N GLY A 6 -3.21 -2.68 22.55
CA GLY A 6 -2.52 -3.13 21.36
C GLY A 6 -3.47 -3.56 20.25
N ALA A 7 -4.57 -4.21 20.63
CA ALA A 7 -5.54 -4.68 19.66
C ALA A 7 -6.24 -3.51 18.97
N LYS A 8 -6.47 -2.43 19.71
CA LYS A 8 -7.12 -1.24 19.16
C LYS A 8 -6.23 -0.59 18.10
N ILE A 9 -4.92 -0.64 18.33
CA ILE A 9 -3.97 -0.06 17.39
C ILE A 9 -3.88 -0.92 16.13
N TYR A 10 -3.94 -2.23 16.33
CA TYR A 10 -3.86 -3.18 15.22
C TYR A 10 -5.04 -3.00 14.26
N ALA A 11 -6.13 -2.42 14.77
CA ALA A 11 -7.32 -2.19 13.95
C ALA A 11 -6.98 -1.34 12.72
N GLN A 12 -6.01 -0.45 12.89
CA GLN A 12 -5.58 0.41 11.80
C GLN A 12 -4.70 -0.37 10.83
N CYS A 13 -3.96 -1.33 11.35
CA CYS A 13 -3.08 -2.16 10.54
C CYS A 13 -3.92 -3.11 9.69
N ALA A 14 -5.09 -3.47 10.20
CA ALA A 14 -6.01 -4.37 9.52
C ALA A 14 -6.55 -3.75 8.24
N GLY A 15 -6.44 -2.42 8.13
CA GLY A 15 -6.92 -1.72 6.95
C GLY A 15 -6.00 -1.90 5.75
N CYS A 16 -4.98 -2.73 5.90
CA CYS A 16 -4.03 -3.00 4.83
C CYS A 16 -3.40 -4.39 4.99
N HIS A 17 -2.88 -4.68 6.18
CA HIS A 17 -2.25 -5.98 6.42
C HIS A 17 -3.27 -7.03 6.85
N GLN A 18 -4.55 -6.67 6.76
CA GLN A 18 -5.65 -7.57 7.13
C GLN A 18 -5.56 -7.97 8.60
N GLN A 19 -6.36 -8.97 8.98
CA GLN A 19 -6.36 -9.45 10.35
C GLN A 19 -5.63 -10.78 10.45
N ASN A 20 -5.23 -11.32 9.30
CA ASN A 20 -4.51 -12.59 9.26
C ASN A 20 -3.02 -12.40 9.54
N GLY A 21 -2.62 -11.13 9.68
CA GLY A 21 -1.24 -10.81 9.95
C GLY A 21 -0.35 -10.95 8.72
N GLN A 22 -0.97 -10.94 7.56
CA GLN A 22 -0.25 -11.07 6.30
C GLN A 22 -0.57 -9.90 5.39
N GLY A 23 -1.71 -9.97 4.72
CA GLY A 23 -2.10 -8.92 3.81
C GLY A 23 -2.20 -9.42 2.38
N ILE A 24 -1.45 -8.77 1.49
CA ILE A 24 -1.44 -9.13 0.09
C ILE A 24 -0.01 -9.33 -0.41
N PRO A 25 0.34 -10.55 -0.82
CA PRO A 25 1.67 -10.86 -1.35
C PRO A 25 2.01 -10.00 -2.56
N GLY A 26 2.77 -8.95 -2.34
CA GLY A 26 3.14 -8.05 -3.41
C GLY A 26 2.79 -6.61 -3.07
N ALA A 27 1.97 -6.44 -2.05
CA ALA A 27 1.56 -5.12 -1.62
C ALA A 27 1.86 -4.90 -0.14
N PHE A 28 1.71 -5.96 0.66
CA PHE A 28 1.96 -5.87 2.10
C PHE A 28 2.74 -7.08 2.58
N PRO A 29 3.87 -6.85 3.27
CA PRO A 29 4.69 -7.93 3.82
C PRO A 29 4.05 -8.52 5.07
N PRO A 30 4.01 -9.85 5.20
CA PRO A 30 3.42 -10.52 6.36
C PRO A 30 4.24 -10.29 7.64
N LEU A 31 3.54 -10.25 8.77
CA LEU A 31 4.18 -10.06 10.05
C LEU A 31 4.39 -11.41 10.72
N ALA A 32 3.39 -12.28 10.59
CA ALA A 32 3.45 -13.62 11.16
C ALA A 32 4.52 -14.44 10.46
N GLY A 33 5.53 -14.83 11.20
CA GLY A 33 6.61 -15.62 10.61
C GLY A 33 7.59 -14.73 9.89
N HIS A 34 7.71 -13.49 10.36
CA HIS A 34 8.60 -12.52 9.76
C HIS A 34 9.19 -11.60 10.83
N VAL A 35 8.40 -11.30 11.86
CA VAL A 35 8.85 -10.45 12.95
C VAL A 35 10.02 -11.10 13.67
N ALA A 36 9.92 -12.40 13.91
CA ALA A 36 10.97 -13.15 14.58
C ALA A 36 12.27 -13.13 13.79
N GLU A 37 12.16 -13.16 12.46
CA GLU A 37 13.32 -13.14 11.59
C GLU A 37 14.09 -11.85 11.76
N ILE A 38 13.35 -10.76 11.95
CA ILE A 38 13.93 -9.43 12.12
C ILE A 38 14.43 -9.24 13.56
N LEU A 39 13.65 -9.74 14.52
CA LEU A 39 14.00 -9.61 15.94
C LEU A 39 15.32 -10.33 16.24
N ALA A 40 15.66 -11.32 15.44
CA ALA A 40 16.89 -12.08 15.62
C ALA A 40 18.10 -11.31 15.10
N LYS A 41 17.84 -10.26 14.34
CA LYS A 41 18.91 -9.45 13.77
C LYS A 41 19.33 -8.35 14.74
N GLU A 42 20.58 -7.93 14.64
CA GLU A 42 21.11 -6.89 15.51
C GLU A 42 20.43 -5.57 15.20
N GLY A 43 19.63 -5.09 16.14
CA GLY A 43 18.93 -3.84 15.94
C GLY A 43 17.64 -4.05 15.15
N GLY A 44 17.23 -5.31 15.04
CA GLY A 44 16.02 -5.65 14.33
C GLY A 44 14.79 -5.02 14.93
N ARG A 45 14.73 -4.99 16.26
CA ARG A 45 13.60 -4.39 16.94
C ARG A 45 13.53 -2.89 16.65
N GLU A 46 14.69 -2.26 16.55
CA GLU A 46 14.77 -0.83 16.27
C GLU A 46 14.29 -0.57 14.85
N TYR A 47 14.66 -1.46 13.93
CA TYR A 47 14.26 -1.37 12.54
C TYR A 47 12.74 -1.40 12.42
N LEU A 48 12.12 -2.32 13.16
CA LEU A 48 10.67 -2.47 13.15
C LEU A 48 9.99 -1.18 13.63
N ILE A 49 10.57 -0.56 14.65
CA ILE A 49 10.02 0.68 15.19
C ILE A 49 10.11 1.79 14.15
N LEU A 50 11.23 1.85 13.44
CA LEU A 50 11.45 2.86 12.41
C LEU A 50 10.43 2.70 11.28
N VAL A 51 10.08 1.46 10.98
CA VAL A 51 9.11 1.15 9.94
C VAL A 51 7.72 1.67 10.31
N LEU A 52 7.41 1.65 11.61
CA LEU A 52 6.12 2.13 12.07
C LEU A 52 6.14 3.65 12.24
N LEU A 53 7.30 4.17 12.63
CA LEU A 53 7.46 5.61 12.85
C LEU A 53 7.48 6.38 11.54
N TYR A 54 8.39 6.03 10.64
CA TYR A 54 8.53 6.73 9.38
C TYR A 54 7.96 5.92 8.22
N GLY A 55 8.16 4.61 8.25
CA GLY A 55 7.62 3.78 7.18
C GLY A 55 8.70 3.05 6.40
N LEU A 56 8.28 2.49 5.28
CA LEU A 56 9.15 1.74 4.39
C LEU A 56 8.58 1.81 2.97
N GLN A 57 9.43 1.76 1.97
CA GLN A 57 8.97 1.85 0.58
C GLN A 57 10.06 1.38 -0.39
N GLY A 58 9.63 0.98 -1.58
CA GLY A 58 10.57 0.54 -2.58
C GLY A 58 10.09 -0.69 -3.33
N GLN A 59 10.86 -1.76 -3.20
CA GLN A 59 10.55 -3.02 -3.86
C GLN A 59 11.34 -4.13 -3.17
N ILE A 60 10.81 -4.62 -2.07
CA ILE A 60 11.46 -5.67 -1.31
C ILE A 60 10.91 -7.03 -1.67
N GLU A 61 11.76 -8.05 -1.61
CA GLU A 61 11.36 -9.41 -1.94
C GLU A 61 11.59 -10.32 -0.74
N VAL A 62 10.51 -10.69 -0.07
CA VAL A 62 10.59 -11.57 1.10
C VAL A 62 9.66 -12.76 0.90
N LYS A 63 10.14 -13.95 1.21
CA LYS A 63 9.35 -15.18 1.08
C LYS A 63 8.93 -15.40 -0.37
N GLY A 64 9.73 -14.88 -1.30
CA GLY A 64 9.43 -15.01 -2.71
C GLY A 64 8.32 -14.11 -3.16
N MET A 65 8.06 -13.05 -2.39
CA MET A 65 7.02 -12.09 -2.71
C MET A 65 7.62 -10.72 -2.95
N LYS A 66 7.40 -10.17 -4.14
CA LYS A 66 7.92 -8.86 -4.47
C LYS A 66 6.90 -7.79 -4.11
N TYR A 67 7.12 -7.13 -2.97
CA TYR A 67 6.21 -6.09 -2.51
C TYR A 67 6.56 -4.75 -3.13
N ASN A 68 5.54 -4.00 -3.50
CA ASN A 68 5.73 -2.68 -4.11
C ASN A 68 4.71 -1.70 -3.58
N GLY A 69 4.97 -1.14 -2.41
CA GLY A 69 4.08 -0.18 -1.81
C GLY A 69 4.79 0.78 -0.90
N VAL A 70 4.04 1.43 -0.03
CA VAL A 70 4.61 2.37 0.93
C VAL A 70 3.96 2.20 2.29
N MET A 71 4.75 1.76 3.25
CA MET A 71 4.27 1.57 4.61
C MET A 71 3.99 2.93 5.24
N SER A 72 2.73 3.18 5.54
CA SER A 72 2.30 4.45 6.10
C SER A 72 2.90 4.73 7.48
N SER A 73 3.37 5.95 7.67
CA SER A 73 3.96 6.37 8.93
C SER A 73 2.88 6.53 10.00
N PHE A 74 3.06 5.87 11.13
CA PHE A 74 2.11 5.95 12.22
C PHE A 74 2.68 6.73 13.40
N ALA A 75 3.49 7.73 13.09
CA ALA A 75 4.12 8.56 14.10
C ALA A 75 3.11 9.44 14.83
N GLN A 76 1.86 9.46 14.35
CA GLN A 76 0.82 10.25 14.97
C GLN A 76 0.38 9.63 16.30
N LEU A 77 0.68 8.35 16.47
CA LEU A 77 0.31 7.64 17.70
C LEU A 77 1.35 7.92 18.78
N LYS A 78 0.96 7.71 20.03
CA LYS A 78 1.87 7.92 21.15
C LYS A 78 2.93 6.83 21.16
N ASP A 79 4.08 7.14 21.76
CA ASP A 79 5.18 6.18 21.83
C ASP A 79 4.75 4.93 22.60
N GLU A 80 3.94 5.15 23.64
CA GLU A 80 3.45 4.05 24.47
C GLU A 80 2.44 3.20 23.68
N GLU A 81 1.89 3.76 22.62
CA GLU A 81 0.92 3.07 21.79
C GLU A 81 1.62 2.29 20.69
N ILE A 82 2.62 2.93 20.09
CA ILE A 82 3.39 2.30 19.02
C ILE A 82 4.11 1.06 19.55
N ALA A 83 4.62 1.18 20.77
CA ALA A 83 5.30 0.06 21.41
C ALA A 83 4.30 -1.03 21.77
N ALA A 84 3.06 -0.63 22.02
CA ALA A 84 2.01 -1.56 22.39
C ALA A 84 1.62 -2.45 21.21
N VAL A 85 1.44 -1.86 20.04
CA VAL A 85 1.07 -2.63 18.86
C VAL A 85 2.19 -3.59 18.48
N LEU A 86 3.44 -3.12 18.64
CA LEU A 86 4.60 -3.94 18.35
C LEU A 86 4.64 -5.15 19.27
N ASN A 87 4.37 -4.90 20.55
CA ASN A 87 4.34 -5.97 21.54
C ASN A 87 3.21 -6.94 21.22
N HIS A 88 2.06 -6.39 20.87
CA HIS A 88 0.88 -7.17 20.55
C HIS A 88 1.09 -8.11 19.37
N ILE A 89 1.51 -7.56 18.23
CA ILE A 89 1.70 -8.37 17.03
C ILE A 89 2.75 -9.47 17.22
N ALA A 90 3.78 -9.18 17.99
CA ALA A 90 4.84 -10.15 18.22
C ALA A 90 4.40 -11.28 19.17
N THR A 91 3.55 -10.96 20.13
CA THR A 91 3.10 -11.96 21.10
C THR A 91 1.83 -12.70 20.64
N ALA A 92 0.95 -11.99 19.96
CA ALA A 92 -0.30 -12.57 19.48
C ALA A 92 -0.07 -13.74 18.54
N TRP A 93 0.88 -13.59 17.62
CA TRP A 93 1.17 -14.65 16.66
C TRP A 93 2.28 -15.55 17.19
N GLY A 94 2.74 -15.26 18.40
CA GLY A 94 3.79 -16.05 19.03
C GLY A 94 5.11 -15.98 18.30
N ASP A 95 5.33 -14.90 17.54
CA ASP A 95 6.57 -14.74 16.80
C ASP A 95 7.69 -14.35 17.74
N ALA A 96 7.33 -13.67 18.82
CA ALA A 96 8.29 -13.24 19.81
C ALA A 96 8.77 -14.42 20.65
N LYS A 97 8.18 -15.57 20.44
CA LYS A 97 8.55 -16.77 21.17
C LYS A 97 9.62 -17.53 20.39
N LYS A 98 9.90 -17.08 19.18
CA LYS A 98 10.90 -17.71 18.32
C LYS A 98 12.25 -17.02 18.44
N VAL A 99 12.38 -16.14 19.42
CA VAL A 99 13.63 -15.43 19.64
C VAL A 99 14.09 -15.62 21.09
N LYS A 100 15.39 -15.57 21.31
CA LYS A 100 15.94 -15.75 22.64
C LYS A 100 15.99 -14.43 23.42
N GLY A 101 15.34 -14.44 24.59
CA GLY A 101 15.34 -13.26 25.44
C GLY A 101 14.63 -12.07 24.82
N PHE A 102 13.34 -12.22 24.54
CA PHE A 102 12.57 -11.13 23.94
C PHE A 102 12.31 -10.04 24.97
N LYS A 103 12.73 -8.83 24.66
CA LYS A 103 12.53 -7.69 25.54
C LYS A 103 11.29 -6.91 25.11
N PRO A 104 10.34 -6.71 26.04
CA PRO A 104 9.11 -5.96 25.75
C PRO A 104 9.43 -4.56 25.24
N PHE A 105 8.78 -4.17 24.15
CA PHE A 105 8.99 -2.85 23.56
C PHE A 105 8.60 -1.75 24.54
N THR A 106 9.46 -0.77 24.68
CA THR A 106 9.22 0.34 25.59
C THR A 106 9.04 1.64 24.81
N ALA A 107 8.31 2.59 25.40
CA ALA A 107 8.06 3.87 24.76
C ALA A 107 9.35 4.64 24.58
N GLU A 108 10.30 4.41 25.48
CA GLU A 108 11.59 5.06 25.42
C GLU A 108 12.34 4.70 24.14
N GLU A 109 12.09 3.49 23.64
CA GLU A 109 12.72 3.01 22.43
C GLU A 109 12.19 3.79 21.23
N VAL A 110 10.87 3.94 21.19
CA VAL A 110 10.20 4.66 20.11
C VAL A 110 10.62 6.13 20.11
N LYS A 111 10.59 6.74 21.29
CA LYS A 111 10.97 8.14 21.44
C LYS A 111 12.43 8.35 21.05
N LYS A 112 13.27 7.36 21.38
CA LYS A 112 14.69 7.43 21.08
C LYS A 112 14.93 7.46 19.57
N LEU A 113 14.28 6.58 18.84
CA LEU A 113 14.44 6.50 17.40
C LEU A 113 13.72 7.67 16.71
N ARG A 114 12.69 8.19 17.38
CA ARG A 114 11.92 9.30 16.85
C ARG A 114 12.73 10.60 16.93
N ALA A 115 13.87 10.54 17.61
CA ALA A 115 14.74 11.70 17.72
C ALA A 115 15.38 12.01 16.39
N LYS A 116 15.72 10.97 15.65
CA LYS A 116 16.34 11.12 14.34
C LYS A 116 15.26 11.11 13.27
N LYS A 117 14.93 12.28 12.75
CA LYS A 117 13.89 12.40 11.73
C LYS A 117 14.34 11.74 10.42
N LEU A 118 13.87 10.54 10.21
CA LEU A 118 14.19 9.80 8.99
C LEU A 118 12.98 9.71 8.09
N THR A 119 13.11 8.97 7.00
CA THR A 119 12.03 8.78 6.05
C THR A 119 12.01 7.32 5.62
N PRO A 120 10.91 6.85 5.02
CA PRO A 120 10.79 5.46 4.55
C PRO A 120 11.97 5.02 3.68
N GLN A 121 12.41 5.90 2.79
CA GLN A 121 13.54 5.59 1.90
C GLN A 121 14.83 5.44 2.70
N GLN A 122 14.94 6.17 3.80
CA GLN A 122 16.12 6.10 4.66
C GLN A 122 16.12 4.80 5.45
N VAL A 123 14.92 4.36 5.84
CA VAL A 123 14.78 3.12 6.60
C VAL A 123 15.19 1.93 5.72
N LEU A 124 14.85 2.03 4.44
CA LEU A 124 15.18 0.99 3.47
C LEU A 124 16.70 0.84 3.39
N ALA A 125 17.41 1.97 3.50
CA ALA A 125 18.86 1.96 3.44
C ALA A 125 19.43 1.20 4.63
N GLU A 126 18.81 1.38 5.79
CA GLU A 126 19.24 0.71 7.01
C GLU A 126 19.12 -0.81 6.86
N ARG A 127 18.04 -1.23 6.21
CA ARG A 127 17.80 -2.64 5.98
C ARG A 127 18.92 -3.23 5.12
N LYS A 128 19.32 -2.48 4.11
CA LYS A 128 20.39 -2.91 3.22
C LYS A 128 21.73 -2.92 3.94
N LYS A 129 21.84 -2.06 4.96
CA LYS A 129 23.07 -1.99 5.75
C LYS A 129 23.19 -3.21 6.66
N LEU A 130 22.08 -3.92 6.83
CA LEU A 130 22.05 -5.12 7.65
C LEU A 130 22.41 -6.33 6.79
N GLY A 131 22.66 -6.08 5.52
CA GLY A 131 23.01 -7.15 4.60
C GLY A 131 21.83 -7.61 3.79
N LEU A 132 20.65 -7.16 4.18
CA LEU A 132 19.41 -7.52 3.49
C LEU A 132 19.13 -6.57 2.34
N LYS A 133 19.32 -7.05 1.12
CA LYS A 133 19.09 -6.24 -0.07
C LYS A 133 17.61 -6.03 -0.27
N TYR B 3 -11.16 13.35 -33.84
CA TYR B 3 -10.93 11.91 -34.11
C TYR B 3 -10.78 11.13 -32.81
N THR B 4 -10.06 11.69 -31.86
CA THR B 4 -9.84 11.04 -30.58
C THR B 4 -11.16 10.78 -29.85
N LEU B 5 -12.06 11.75 -29.91
CA LEU B 5 -13.36 11.63 -29.26
C LEU B 5 -14.34 10.81 -30.10
N ALA B 6 -13.90 10.40 -31.28
CA ALA B 6 -14.74 9.62 -32.17
C ALA B 6 -14.32 8.14 -32.15
N THR B 7 -13.24 7.86 -31.46
CA THR B 7 -12.73 6.51 -31.37
C THR B 7 -12.78 6.01 -29.93
N HIS B 8 -12.34 4.78 -29.71
CA HIS B 8 -12.33 4.18 -28.37
C HIS B 8 -11.31 4.89 -27.48
N THR B 9 -10.50 5.76 -28.09
CA THR B 9 -9.48 6.49 -27.37
C THR B 9 -10.09 7.38 -26.29
N ALA B 10 -11.38 7.70 -26.43
CA ALA B 10 -12.08 8.53 -25.48
C ALA B 10 -12.33 7.78 -24.17
N GLY B 11 -12.04 6.49 -24.17
CA GLY B 11 -12.24 5.68 -22.98
C GLY B 11 -11.23 6.01 -21.89
N VAL B 12 -10.14 6.66 -22.28
CA VAL B 12 -9.09 7.04 -21.33
C VAL B 12 -9.54 8.22 -20.48
N ILE B 13 -10.64 8.83 -20.88
CA ILE B 13 -11.19 9.98 -20.18
C ILE B 13 -12.10 9.51 -19.06
N PRO B 14 -11.94 10.06 -17.84
CA PRO B 14 -12.76 9.67 -16.68
C PRO B 14 -14.25 9.80 -16.97
N ALA B 15 -15.00 8.78 -16.57
CA ALA B 15 -16.44 8.75 -16.77
C ALA B 15 -17.10 9.97 -16.14
N GLY B 16 -18.09 10.52 -16.85
CA GLY B 16 -18.81 11.67 -16.35
C GLY B 16 -19.66 11.34 -15.14
N LYS B 17 -20.01 10.07 -15.02
CA LYS B 17 -20.81 9.60 -13.90
C LYS B 17 -20.05 9.78 -12.59
N LEU B 18 -20.59 10.60 -11.72
CA LEU B 18 -19.96 10.88 -10.44
C LEU B 18 -20.46 9.93 -9.37
N GLU B 19 -19.75 8.83 -9.17
CA GLU B 19 -20.13 7.85 -8.16
C GLU B 19 -19.48 8.22 -6.83
N ARG B 20 -20.26 8.77 -5.91
CA ARG B 20 -19.73 9.16 -4.61
C ARG B 20 -19.88 8.02 -3.61
N VAL B 21 -18.75 7.50 -3.16
CA VAL B 21 -18.74 6.41 -2.20
C VAL B 21 -18.20 6.88 -0.85
N ASP B 22 -18.01 5.94 0.07
CA ASP B 22 -17.50 6.26 1.40
C ASP B 22 -15.99 6.02 1.42
N PRO B 23 -15.19 7.09 1.54
CA PRO B 23 -13.73 6.99 1.56
C PRO B 23 -13.15 6.53 2.90
N THR B 24 -13.99 5.95 3.75
CA THR B 24 -13.54 5.48 5.04
C THR B 24 -13.75 3.98 5.17
N THR B 25 -14.98 3.56 4.97
CA THR B 25 -15.34 2.16 5.06
C THR B 25 -15.05 1.42 3.76
N VAL B 26 -14.57 2.16 2.76
CA VAL B 26 -14.25 1.61 1.44
C VAL B 26 -13.26 0.43 1.53
N ARG B 27 -12.40 0.43 2.55
CA ARG B 27 -11.42 -0.64 2.71
C ARG B 27 -11.91 -1.68 3.71
N GLN B 28 -13.18 -1.59 4.08
CA GLN B 28 -13.78 -2.52 5.01
C GLN B 28 -15.00 -3.19 4.40
N GLU B 29 -15.77 -2.40 3.67
CA GLU B 29 -16.97 -2.88 3.00
C GLU B 29 -17.10 -2.26 1.61
N GLY B 30 -17.40 -3.08 0.62
CA GLY B 30 -17.54 -2.59 -0.73
C GLY B 30 -16.67 -3.38 -1.71
N PRO B 31 -16.85 -3.15 -3.02
CA PRO B 31 -16.07 -3.85 -4.05
C PRO B 31 -14.57 -3.58 -3.93
N TRP B 32 -14.22 -2.43 -3.39
CA TRP B 32 -12.82 -2.03 -3.22
C TRP B 32 -12.25 -2.61 -1.94
N ALA B 33 -13.08 -3.29 -1.17
CA ALA B 33 -12.66 -3.88 0.08
C ALA B 33 -12.16 -5.31 -0.13
N ASP B 34 -12.23 -5.76 -1.36
CA ASP B 34 -11.80 -7.11 -1.68
C ASP B 34 -10.71 -7.10 -2.74
N PRO B 35 -9.45 -7.33 -2.34
CA PRO B 35 -8.31 -7.34 -3.26
C PRO B 35 -8.34 -8.52 -4.21
N ALA B 36 -9.02 -9.59 -3.82
CA ALA B 36 -9.11 -10.78 -4.65
C ALA B 36 -10.22 -10.62 -5.68
N GLN B 37 -11.38 -10.18 -5.22
CA GLN B 37 -12.53 -9.99 -6.09
C GLN B 37 -12.50 -8.60 -6.73
N ALA B 38 -11.31 -8.00 -6.76
CA ALA B 38 -11.14 -6.67 -7.35
C ALA B 38 -11.27 -6.72 -8.86
N VAL B 39 -11.00 -7.87 -9.43
CA VAL B 39 -11.09 -8.06 -10.88
C VAL B 39 -12.25 -8.99 -11.22
N VAL B 40 -13.36 -8.41 -11.69
CA VAL B 40 -14.52 -9.19 -12.05
C VAL B 40 -14.91 -8.96 -13.51
N GLN B 41 -15.11 -10.05 -14.23
CA GLN B 41 -15.50 -9.97 -15.63
C GLN B 41 -16.99 -9.64 -15.72
N THR B 42 -17.30 -8.40 -16.05
CA THR B 42 -18.68 -7.95 -16.14
C THR B 42 -19.36 -8.41 -17.44
N GLY B 43 -18.56 -8.68 -18.45
CA GLY B 43 -19.11 -9.12 -19.71
C GLY B 43 -18.06 -9.74 -20.61
N PRO B 44 -18.47 -10.22 -21.80
CA PRO B 44 -17.54 -10.84 -22.75
C PRO B 44 -16.39 -9.93 -23.13
N ASN B 45 -15.18 -10.34 -22.77
CA ASN B 45 -13.96 -9.59 -23.07
C ASN B 45 -13.93 -8.25 -22.33
N GLN B 46 -14.59 -8.19 -21.17
CA GLN B 46 -14.62 -6.97 -20.37
C GLN B 46 -14.39 -7.29 -18.90
N TYR B 47 -13.34 -6.72 -18.34
CA TYR B 47 -13.01 -6.95 -16.94
C TYR B 47 -13.01 -5.66 -16.16
N THR B 48 -13.77 -5.62 -15.06
CA THR B 48 -13.83 -4.45 -14.22
C THR B 48 -12.89 -4.61 -13.04
N VAL B 49 -11.98 -3.66 -12.87
CA VAL B 49 -11.01 -3.71 -11.79
C VAL B 49 -11.22 -2.58 -10.80
N TYR B 50 -11.54 -2.94 -9.58
CA TYR B 50 -11.76 -1.96 -8.52
C TYR B 50 -10.43 -1.67 -7.84
N VAL B 51 -9.78 -0.61 -8.27
CA VAL B 51 -8.49 -0.22 -7.72
C VAL B 51 -8.66 0.73 -6.55
N LEU B 52 -8.17 0.32 -5.39
CA LEU B 52 -8.24 1.12 -4.20
C LEU B 52 -6.89 1.80 -3.95
N ALA B 53 -6.85 3.10 -4.14
CA ALA B 53 -5.63 3.85 -3.94
C ALA B 53 -5.49 4.22 -2.47
N PHE B 54 -5.22 3.20 -1.65
CA PHE B 54 -5.09 3.40 -0.20
C PHE B 54 -3.92 4.31 0.15
N ALA B 55 -3.75 4.54 1.44
CA ALA B 55 -2.70 5.40 1.95
C ALA B 55 -1.32 5.03 1.41
N PHE B 56 -0.87 5.83 0.45
CA PHE B 56 0.45 5.66 -0.18
C PHE B 56 0.59 4.34 -0.94
N GLY B 57 -0.52 3.79 -1.43
CA GLY B 57 -0.42 2.54 -2.18
C GLY B 57 -1.60 2.33 -3.12
N TYR B 58 -1.57 1.21 -3.82
CA TYR B 58 -2.62 0.83 -4.76
C TYR B 58 -2.99 -0.63 -4.57
N GLN B 59 -4.29 -0.91 -4.49
CA GLN B 59 -4.77 -2.28 -4.32
C GLN B 59 -5.75 -2.63 -5.42
N PRO B 60 -5.65 -3.85 -5.99
CA PRO B 60 -4.64 -4.84 -5.59
C PRO B 60 -3.28 -4.55 -6.22
N ASN B 61 -2.29 -5.33 -5.83
CA ASN B 61 -0.94 -5.16 -6.36
C ASN B 61 -0.14 -6.43 -6.12
N PRO B 62 0.44 -7.03 -7.16
CA PRO B 62 0.33 -6.53 -8.55
C PRO B 62 -1.04 -6.77 -9.17
N ILE B 63 -1.42 -5.91 -10.10
CA ILE B 63 -2.69 -6.03 -10.80
C ILE B 63 -2.54 -6.96 -11.99
N GLU B 64 -3.13 -8.14 -11.89
CA GLU B 64 -3.07 -9.12 -12.96
C GLU B 64 -4.29 -9.00 -13.85
N VAL B 65 -4.07 -8.62 -15.10
CA VAL B 65 -5.15 -8.47 -16.07
C VAL B 65 -4.80 -9.16 -17.38
N PRO B 66 -5.81 -9.55 -18.17
CA PRO B 66 -5.60 -10.20 -19.46
C PRO B 66 -5.36 -9.20 -20.59
N GLN B 67 -4.77 -9.68 -21.69
CA GLN B 67 -4.49 -8.82 -22.83
C GLN B 67 -5.54 -9.02 -23.93
N GLY B 68 -5.85 -7.94 -24.64
CA GLY B 68 -6.81 -8.00 -25.72
C GLY B 68 -8.24 -7.76 -25.24
N ALA B 69 -8.40 -7.65 -23.93
CA ALA B 69 -9.71 -7.44 -23.34
C ALA B 69 -9.88 -6.00 -22.87
N GLU B 70 -11.13 -5.57 -22.76
CA GLU B 70 -11.44 -4.22 -22.30
C GLU B 70 -11.45 -4.20 -20.77
N ILE B 71 -10.54 -3.46 -20.19
CA ILE B 71 -10.45 -3.37 -18.75
C ILE B 71 -11.03 -2.05 -18.25
N VAL B 72 -12.04 -2.17 -17.41
CA VAL B 72 -12.70 -1.01 -16.82
C VAL B 72 -12.12 -0.73 -15.45
N PHE B 73 -11.21 0.23 -15.40
CA PHE B 73 -10.54 0.58 -14.15
C PHE B 73 -11.39 1.55 -13.34
N LYS B 74 -11.78 1.13 -12.15
CA LYS B 74 -12.54 1.97 -11.24
C LYS B 74 -11.70 2.23 -10.01
N ILE B 75 -11.00 3.35 -10.00
CA ILE B 75 -10.11 3.69 -8.90
C ILE B 75 -10.72 4.73 -7.96
N THR B 76 -10.56 4.49 -6.67
CA THR B 76 -11.05 5.40 -5.65
C THR B 76 -10.00 5.52 -4.55
N SER B 77 -10.03 6.62 -3.79
CA SER B 77 -9.04 6.83 -2.74
C SER B 77 -9.70 7.10 -1.39
N PRO B 78 -9.16 6.50 -0.32
CA PRO B 78 -9.66 6.69 1.03
C PRO B 78 -8.93 7.81 1.77
N ASP B 79 -7.82 8.29 1.22
CA ASP B 79 -7.05 9.35 1.86
C ASP B 79 -7.03 10.63 1.01
N VAL B 80 -5.87 11.01 0.50
CA VAL B 80 -5.75 12.21 -0.32
C VAL B 80 -5.89 11.87 -1.80
N ILE B 81 -5.78 12.86 -2.66
CA ILE B 81 -5.88 12.64 -4.09
C ILE B 81 -4.62 11.95 -4.63
N HIS B 82 -4.81 10.95 -5.47
CA HIS B 82 -3.70 10.23 -6.05
C HIS B 82 -3.77 10.31 -7.57
N GLY B 83 -2.76 9.79 -8.25
CA GLY B 83 -2.75 9.82 -9.69
C GLY B 83 -2.57 8.46 -10.29
N PHE B 84 -3.52 8.04 -11.10
CA PHE B 84 -3.46 6.74 -11.74
C PHE B 84 -2.91 6.90 -13.15
N HIS B 85 -1.59 7.00 -13.24
CA HIS B 85 -0.92 7.13 -14.52
C HIS B 85 -0.08 5.89 -14.79
N VAL B 86 -0.50 5.10 -15.76
CA VAL B 86 0.22 3.89 -16.10
C VAL B 86 1.29 4.19 -17.15
N GLU B 87 2.55 4.04 -16.74
CA GLU B 87 3.68 4.30 -17.60
C GLU B 87 3.69 3.34 -18.80
N GLY B 88 3.53 3.90 -19.99
CA GLY B 88 3.53 3.08 -21.18
C GLY B 88 2.17 3.00 -21.83
N THR B 89 1.19 3.69 -21.26
CA THR B 89 -0.17 3.69 -21.79
C THR B 89 -0.77 5.09 -21.75
N ASN B 90 -2.00 5.21 -22.23
CA ASN B 90 -2.69 6.51 -22.21
C ASN B 90 -3.61 6.62 -21.00
N ILE B 91 -3.34 5.81 -19.99
CA ILE B 91 -4.13 5.84 -18.76
C ILE B 91 -3.59 6.88 -17.81
N ASN B 92 -4.35 7.95 -17.63
CA ASN B 92 -3.95 9.02 -16.74
C ASN B 92 -5.19 9.70 -16.17
N VAL B 93 -5.50 9.40 -14.93
CA VAL B 93 -6.66 9.97 -14.27
C VAL B 93 -6.36 10.25 -12.80
N GLU B 94 -7.02 11.24 -12.24
CA GLU B 94 -6.82 11.58 -10.85
C GLU B 94 -7.76 10.79 -9.95
N VAL B 95 -7.22 10.25 -8.89
CA VAL B 95 -7.98 9.46 -7.94
C VAL B 95 -8.36 10.31 -6.74
N LEU B 96 -9.57 10.84 -6.76
CA LEU B 96 -10.06 11.69 -5.69
C LEU B 96 -10.70 10.86 -4.59
N PRO B 97 -10.59 11.31 -3.33
CA PRO B 97 -11.17 10.60 -2.19
C PRO B 97 -12.69 10.54 -2.26
N GLY B 98 -13.22 9.33 -2.33
CA GLY B 98 -14.66 9.16 -2.40
C GLY B 98 -15.19 9.20 -3.81
N GLU B 99 -14.32 9.46 -4.77
CA GLU B 99 -14.70 9.53 -6.17
C GLU B 99 -14.27 8.25 -6.88
N VAL B 100 -15.13 7.75 -7.77
CA VAL B 100 -14.81 6.55 -8.52
C VAL B 100 -14.37 6.89 -9.93
N SER B 101 -13.07 7.03 -10.11
CA SER B 101 -12.50 7.34 -11.40
C SER B 101 -12.55 6.11 -12.31
N THR B 102 -13.47 6.14 -13.26
CA THR B 102 -13.64 5.01 -14.18
C THR B 102 -12.98 5.29 -15.52
N VAL B 103 -12.04 4.42 -15.89
CA VAL B 103 -11.31 4.53 -17.14
C VAL B 103 -11.37 3.21 -17.92
N ARG B 104 -11.60 3.29 -19.22
CA ARG B 104 -11.67 2.10 -20.05
C ARG B 104 -10.45 1.98 -20.95
N TYR B 105 -9.71 0.90 -20.81
CA TYR B 105 -8.53 0.69 -21.60
C TYR B 105 -8.45 -0.74 -22.11
N THR B 106 -7.80 -0.92 -23.25
CA THR B 106 -7.64 -2.24 -23.82
C THR B 106 -6.15 -2.55 -23.97
N PHE B 107 -5.63 -3.34 -23.03
CA PHE B 107 -4.22 -3.71 -23.06
C PHE B 107 -3.96 -4.73 -24.16
N LYS B 108 -3.49 -4.26 -25.30
CA LYS B 108 -3.21 -5.15 -26.42
C LYS B 108 -1.77 -5.61 -26.39
N ARG B 109 -1.00 -5.06 -25.46
CA ARG B 109 0.41 -5.41 -25.32
C ARG B 109 0.68 -5.92 -23.92
N PRO B 110 1.03 -7.21 -23.78
CA PRO B 110 1.31 -7.81 -22.47
C PRO B 110 2.66 -7.35 -21.90
N GLY B 111 2.88 -7.63 -20.62
CA GLY B 111 4.10 -7.23 -19.96
C GLY B 111 3.87 -6.68 -18.57
N GLU B 112 4.83 -5.91 -18.08
CA GLU B 112 4.72 -5.33 -16.75
C GLU B 112 4.80 -3.81 -16.85
N TYR B 113 3.72 -3.16 -16.45
CA TYR B 113 3.64 -1.70 -16.48
C TYR B 113 3.65 -1.14 -15.06
N ARG B 114 4.24 0.02 -14.88
CA ARG B 114 4.32 0.64 -13.57
C ARG B 114 3.43 1.88 -13.48
N ILE B 115 2.66 1.96 -12.40
CA ILE B 115 1.78 3.08 -12.17
C ILE B 115 2.53 4.18 -11.44
N ILE B 116 2.43 5.41 -11.92
CA ILE B 116 3.09 6.54 -11.29
C ILE B 116 2.07 7.52 -10.76
N CYS B 117 2.04 7.68 -9.44
CA CYS B 117 1.11 8.59 -8.80
C CYS B 117 1.62 10.02 -8.89
N ASN B 118 1.26 10.70 -9.98
CA ASN B 118 1.69 12.09 -10.20
C ASN B 118 1.13 13.05 -9.15
N GLN B 119 0.01 12.69 -8.53
CA GLN B 119 -0.59 13.55 -7.51
C GLN B 119 0.09 13.39 -6.16
N TYR B 120 0.34 14.53 -5.51
CA TYR B 120 1.02 14.61 -4.20
C TYR B 120 0.33 13.73 -3.15
N CYS B 121 1.07 13.44 -2.06
CA CYS B 121 0.57 12.61 -0.97
C CYS B 121 1.66 12.39 0.07
N GLY B 122 2.07 13.47 0.74
CA GLY B 122 3.09 13.38 1.77
C GLY B 122 4.37 12.68 1.32
N LEU B 123 4.95 11.91 2.24
CA LEU B 123 6.18 11.18 1.97
C LEU B 123 5.95 9.99 1.04
N GLY B 124 4.73 9.45 1.07
CA GLY B 124 4.41 8.33 0.23
C GLY B 124 3.94 8.76 -1.14
N HIS B 125 4.81 9.44 -1.87
CA HIS B 125 4.45 9.94 -3.19
C HIS B 125 5.46 9.52 -4.26
N GLN B 126 6.71 9.92 -4.07
CA GLN B 126 7.77 9.63 -5.04
C GLN B 126 7.92 8.13 -5.28
N ASN B 127 7.69 7.32 -4.25
CA ASN B 127 7.83 5.87 -4.38
C ASN B 127 6.47 5.19 -4.39
N MET B 128 5.41 5.98 -4.56
CA MET B 128 4.06 5.43 -4.61
C MET B 128 3.77 4.96 -6.03
N PHE B 129 4.19 3.74 -6.33
CA PHE B 129 4.00 3.16 -7.64
C PHE B 129 3.02 2.00 -7.58
N GLY B 130 2.84 1.36 -8.73
CA GLY B 130 1.95 0.22 -8.83
C GLY B 130 2.45 -0.74 -9.89
N THR B 131 2.18 -2.02 -9.72
CA THR B 131 2.64 -3.01 -10.67
C THR B 131 1.47 -3.64 -11.43
N ILE B 132 1.35 -3.31 -12.71
CA ILE B 132 0.31 -3.87 -13.54
C ILE B 132 0.91 -4.96 -14.43
N VAL B 133 0.53 -6.20 -14.17
CA VAL B 133 1.05 -7.30 -14.94
C VAL B 133 -0.03 -7.87 -15.86
N VAL B 134 0.06 -7.53 -17.13
CA VAL B 134 -0.90 -8.01 -18.09
C VAL B 134 -0.43 -9.35 -18.65
N LYS B 135 -1.25 -10.37 -18.46
CA LYS B 135 -0.94 -11.72 -18.89
C LYS B 135 -0.90 -11.83 -20.40
N GLU B 136 -0.16 -12.83 -20.88
CA GLU B 136 -0.01 -13.07 -22.29
C GLU B 136 -0.51 -14.46 -22.65
#